data_1YYW
#
_entry.id   1YYW
#
_cell.length_a   86.428
_cell.length_b   95.906
_cell.length_c   166.004
_cell.angle_alpha   90.00
_cell.angle_beta   90.00
_cell.angle_gamma   90.00
#
_symmetry.space_group_name_H-M   'P 21 21 21'
#
loop_
_entity.id
_entity.type
_entity.pdbx_description
1 polymer "5'-R(*AP*AP*AP*UP*AP*UP*AP*UP*AP*UP*UP*U)-3'"
2 polymer 'Ribonuclease III'
3 water water
#
loop_
_entity_poly.entity_id
_entity_poly.type
_entity_poly.pdbx_seq_one_letter_code
_entity_poly.pdbx_strand_id
1 'polyribonucleotide' AAAUAUAUAUUU E,F,G,H,I,J,K,L
2 'polypeptide(L)'
;MKMLEQLEKKLGYTFKDKSLLEKALTHVSYSKKEHYETLEFLGDALVNFFIVDLLVQYSPNKREGFLSPLKAYLISEEFF
NLLAQKLELHKFIRIKRGKINETIIGDVFEALWAAVYIDSGRDANFTRELFYKLFKEDILSAIKEGRVKKDYKTILQEIT
QKRWKERPEYRLISVEGPHHKKKFIVEAKIKEYRTLGEGKSKKEAEQRAAEELIKLLEESE
;
A,B,C,D
#
# COMPACT_ATOMS: atom_id res chain seq x y z
N LYS I 2 -32.96 -25.17 2.77
CA LYS I 2 -33.52 -25.82 1.54
C LYS I 2 -32.38 -26.39 0.70
N MET I 3 -32.27 -25.90 -0.52
CA MET I 3 -31.23 -26.32 -1.45
C MET I 3 -30.13 -25.27 -1.41
N LEU I 4 -30.44 -24.14 -0.79
CA LEU I 4 -29.50 -23.04 -0.69
C LEU I 4 -28.32 -23.38 0.20
N GLU I 5 -28.55 -24.24 1.19
CA GLU I 5 -27.49 -24.64 2.09
C GLU I 5 -26.28 -25.09 1.29
N GLN I 6 -26.54 -25.61 0.10
CA GLN I 6 -25.47 -26.08 -0.78
C GLN I 6 -24.74 -24.89 -1.38
N LEU I 7 -25.47 -23.81 -1.66
CA LEU I 7 -24.87 -22.60 -2.22
C LEU I 7 -24.07 -21.91 -1.12
N GLU I 8 -24.65 -21.84 0.06
CA GLU I 8 -24.00 -21.23 1.21
C GLU I 8 -22.71 -21.95 1.54
N LYS I 9 -22.64 -23.22 1.15
CA LYS I 9 -21.44 -24.01 1.40
C LYS I 9 -20.34 -23.52 0.46
N LYS I 10 -20.74 -23.14 -0.75
CA LYS I 10 -19.80 -22.63 -1.75
C LYS I 10 -19.33 -21.23 -1.39
N LEU I 11 -20.29 -20.35 -1.09
CA LEU I 11 -19.98 -18.97 -0.73
C LEU I 11 -19.09 -18.97 0.51
N GLY I 12 -19.48 -19.76 1.51
CA GLY I 12 -18.75 -19.82 2.75
C GLY I 12 -19.42 -18.87 3.72
N TYR I 13 -20.67 -18.56 3.45
CA TYR I 13 -21.46 -17.66 4.27
C TYR I 13 -22.89 -18.17 4.42
N THR I 14 -23.37 -18.25 5.66
CA THR I 14 -24.72 -18.71 5.95
C THR I 14 -25.61 -17.53 6.35
N PHE I 15 -26.63 -17.28 5.55
CA PHE I 15 -27.54 -16.15 5.81
C PHE I 15 -28.35 -16.23 7.10
N LYS I 16 -28.64 -15.07 7.67
CA LYS I 16 -29.43 -15.00 8.87
C LYS I 16 -30.86 -14.98 8.34
N ASP I 17 -31.05 -14.25 7.25
CA ASP I 17 -32.34 -14.13 6.59
C ASP I 17 -32.25 -14.93 5.29
N LYS I 18 -32.56 -16.22 5.37
CA LYS I 18 -32.50 -17.09 4.21
C LYS I 18 -33.37 -16.59 3.06
N SER I 19 -34.22 -15.60 3.33
CA SER I 19 -35.09 -15.05 2.29
C SER I 19 -34.30 -14.23 1.29
N LEU I 20 -33.35 -13.43 1.79
CA LEU I 20 -32.53 -12.60 0.92
C LEU I 20 -31.94 -13.42 -0.21
N LEU I 21 -31.10 -14.39 0.15
CA LEU I 21 -30.46 -15.25 -0.83
C LEU I 21 -31.47 -15.66 -1.91
N GLU I 22 -32.68 -16.00 -1.47
CA GLU I 22 -33.73 -16.41 -2.39
C GLU I 22 -34.28 -15.23 -3.20
N LYS I 23 -34.36 -14.05 -2.58
CA LYS I 23 -34.86 -12.87 -3.28
C LYS I 23 -33.90 -12.49 -4.39
N ALA I 24 -32.63 -12.75 -4.17
CA ALA I 24 -31.58 -12.44 -5.14
C ALA I 24 -31.59 -13.48 -6.24
N LEU I 25 -31.97 -14.71 -5.88
CA LEU I 25 -32.01 -15.81 -6.84
C LEU I 25 -33.32 -15.93 -7.60
N THR I 26 -34.28 -15.08 -7.25
CA THR I 26 -35.59 -15.11 -7.91
C THR I 26 -35.66 -14.14 -9.09
N HIS I 27 -35.85 -14.70 -10.28
CA HIS I 27 -35.95 -13.89 -11.49
C HIS I 27 -37.39 -13.40 -11.63
N VAL I 28 -37.56 -12.26 -12.28
CA VAL I 28 -38.87 -11.66 -12.48
C VAL I 28 -39.93 -12.69 -12.89
N SER I 29 -39.65 -13.40 -13.98
CA SER I 29 -40.57 -14.41 -14.48
C SER I 29 -41.02 -15.37 -13.38
N TYR I 30 -40.07 -15.83 -12.57
CA TYR I 30 -40.37 -16.74 -11.45
C TYR I 30 -41.34 -16.09 -10.47
N SER I 31 -41.17 -14.81 -10.21
CA SER I 31 -42.02 -14.14 -9.26
C SER I 31 -41.82 -12.66 -9.26
N LYS I 32 -42.55 -11.99 -10.18
CA LYS I 32 -42.44 -10.56 -10.35
C LYS I 32 -42.85 -9.82 -9.08
N LYS I 33 -43.48 -10.57 -8.19
CA LYS I 33 -43.92 -10.05 -6.90
C LYS I 33 -42.72 -9.39 -6.22
N GLU I 34 -41.61 -10.12 -6.18
CA GLU I 34 -40.37 -9.64 -5.59
C GLU I 34 -39.20 -10.47 -6.12
N HIS I 35 -38.37 -9.84 -6.94
CA HIS I 35 -37.21 -10.53 -7.54
C HIS I 35 -35.88 -9.84 -7.24
N TYR I 36 -34.82 -10.28 -7.89
CA TYR I 36 -33.48 -9.73 -7.69
C TYR I 36 -33.24 -8.36 -8.36
N GLU I 37 -34.24 -7.49 -8.55
CA GLU I 37 -33.99 -6.27 -9.38
C GLU I 37 -33.38 -5.00 -8.76
N THR I 38 -33.59 -4.78 -7.51
CA THR I 38 -33.12 -3.61 -6.80
C THR I 38 -31.88 -3.94 -6.01
N LEU I 39 -31.85 -5.21 -5.75
CA LEU I 39 -30.81 -5.86 -5.03
C LEU I 39 -29.63 -6.03 -5.98
N GLU I 40 -29.90 -6.21 -7.26
CA GLU I 40 -28.86 -6.31 -8.27
C GLU I 40 -28.32 -4.92 -8.55
N PHE I 41 -29.21 -3.93 -8.47
CA PHE I 41 -28.87 -2.54 -8.69
C PHE I 41 -27.84 -2.11 -7.65
N LEU I 42 -28.01 -2.58 -6.42
CA LEU I 42 -27.09 -2.25 -5.34
C LEU I 42 -25.75 -2.96 -5.56
N GLY I 43 -25.82 -4.29 -5.68
CA GLY I 43 -24.61 -5.06 -5.91
C GLY I 43 -23.87 -4.55 -7.12
N ASP I 44 -24.61 -3.95 -8.05
CA ASP I 44 -24.01 -3.40 -9.26
C ASP I 44 -22.89 -2.45 -8.86
N ALA I 45 -23.22 -1.49 -8.01
CA ALA I 45 -22.25 -0.51 -7.53
C ALA I 45 -21.28 -1.19 -6.59
N LEU I 46 -21.80 -2.10 -5.77
CA LEU I 46 -21.01 -2.83 -4.79
C LEU I 46 -19.89 -3.62 -5.47
N VAL I 47 -20.28 -4.62 -6.27
CA VAL I 47 -19.32 -5.45 -6.97
C VAL I 47 -18.35 -4.61 -7.80
N ASN I 48 -18.84 -3.49 -8.31
CA ASN I 48 -18.03 -2.58 -9.10
C ASN I 48 -16.86 -2.11 -8.22
N PHE I 49 -17.20 -1.59 -7.06
CA PHE I 49 -16.21 -1.10 -6.11
C PHE I 49 -15.27 -2.20 -5.61
N PHE I 50 -15.80 -3.41 -5.46
CA PHE I 50 -14.98 -4.53 -5.00
C PHE I 50 -13.82 -4.79 -5.94
N ILE I 51 -14.09 -4.69 -7.24
CA ILE I 51 -13.08 -4.97 -8.25
C ILE I 51 -12.19 -3.76 -8.58
N VAL I 52 -12.80 -2.63 -8.87
CA VAL I 52 -12.03 -1.42 -9.19
C VAL I 52 -10.99 -1.18 -8.12
N ASP I 53 -11.30 -1.61 -6.90
CA ASP I 53 -10.39 -1.47 -5.76
C ASP I 53 -9.27 -2.47 -5.92
N LEU I 54 -9.63 -3.72 -6.21
CA LEU I 54 -8.67 -4.78 -6.39
C LEU I 54 -7.77 -4.44 -7.57
N LEU I 55 -8.40 -3.96 -8.64
CA LEU I 55 -7.70 -3.58 -9.87
C LEU I 55 -6.61 -2.55 -9.62
N VAL I 56 -6.99 -1.43 -9.01
CA VAL I 56 -6.06 -0.34 -8.71
C VAL I 56 -4.82 -0.75 -7.92
N GLN I 57 -5.00 -1.58 -6.91
CA GLN I 57 -3.87 -2.01 -6.08
C GLN I 57 -3.09 -3.18 -6.67
N TYR I 58 -3.66 -3.83 -7.69
CA TYR I 58 -3.00 -4.96 -8.31
C TYR I 58 -2.77 -4.83 -9.82
N SER I 59 -2.72 -3.60 -10.31
CA SER I 59 -2.50 -3.37 -11.72
C SER I 59 -1.05 -2.96 -11.96
N PRO I 60 -0.42 -3.51 -13.02
CA PRO I 60 0.98 -3.16 -13.31
C PRO I 60 1.12 -1.66 -13.56
N ASN I 61 0.16 -1.11 -14.29
CA ASN I 61 0.14 0.32 -14.60
C ASN I 61 -1.11 0.91 -13.97
N LYS I 62 -0.92 1.89 -13.08
CA LYS I 62 -2.06 2.53 -12.43
C LYS I 62 -2.49 3.81 -13.14
N ARG I 63 -2.35 3.82 -14.47
CA ARG I 63 -2.74 4.98 -15.26
C ARG I 63 -4.17 4.80 -15.76
N GLU I 64 -4.94 5.88 -15.72
CA GLU I 64 -6.33 5.86 -16.15
C GLU I 64 -6.51 5.23 -17.53
N GLY I 65 -5.59 5.56 -18.44
CA GLY I 65 -5.67 5.03 -19.79
C GLY I 65 -5.59 3.51 -19.84
N PHE I 66 -4.83 2.93 -18.91
CA PHE I 66 -4.65 1.49 -18.86
C PHE I 66 -5.69 0.79 -17.99
N LEU I 67 -6.05 1.42 -16.88
CA LEU I 67 -7.02 0.84 -15.97
C LEU I 67 -8.41 0.80 -16.60
N SER I 68 -8.79 1.90 -17.23
CA SER I 68 -10.11 2.00 -17.87
C SER I 68 -10.52 0.77 -18.68
N PRO I 69 -9.68 0.34 -19.65
CA PRO I 69 -10.02 -0.84 -20.45
C PRO I 69 -10.10 -2.15 -19.68
N LEU I 70 -9.23 -2.34 -18.69
CA LEU I 70 -9.24 -3.56 -17.88
C LEU I 70 -10.50 -3.62 -17.03
N LYS I 71 -10.78 -2.52 -16.33
CA LYS I 71 -11.96 -2.43 -15.47
C LYS I 71 -13.22 -2.56 -16.32
N ALA I 72 -13.08 -2.36 -17.63
CA ALA I 72 -14.20 -2.45 -18.54
C ALA I 72 -14.66 -3.89 -18.68
N TYR I 73 -13.71 -4.81 -18.78
CA TYR I 73 -14.03 -6.24 -18.90
C TYR I 73 -14.29 -6.87 -17.54
N LEU I 74 -13.45 -6.52 -16.56
CA LEU I 74 -13.57 -7.07 -15.22
C LEU I 74 -14.95 -6.89 -14.60
N ILE I 75 -15.82 -6.12 -15.26
CA ILE I 75 -17.17 -5.90 -14.76
C ILE I 75 -18.25 -6.20 -15.81
N SER I 76 -17.82 -6.76 -16.94
CA SER I 76 -18.74 -7.10 -18.03
C SER I 76 -19.69 -8.22 -17.61
N GLU I 77 -20.88 -8.23 -18.20
CA GLU I 77 -21.89 -9.25 -17.89
C GLU I 77 -21.48 -10.62 -18.42
N GLU I 78 -20.23 -10.74 -18.84
CA GLU I 78 -19.72 -12.02 -19.35
C GLU I 78 -18.61 -12.55 -18.44
N PHE I 79 -17.96 -11.64 -17.73
CA PHE I 79 -16.90 -12.03 -16.81
C PHE I 79 -17.53 -12.53 -15.52
N PHE I 80 -18.75 -12.06 -15.25
CA PHE I 80 -19.47 -12.48 -14.06
C PHE I 80 -19.84 -13.95 -14.17
N ASN I 81 -20.26 -14.39 -15.35
CA ASN I 81 -20.62 -15.79 -15.55
C ASN I 81 -19.38 -16.63 -15.26
N LEU I 82 -18.21 -16.11 -15.63
CA LEU I 82 -16.94 -16.78 -15.41
C LEU I 82 -16.74 -16.98 -13.92
N LEU I 83 -17.18 -15.99 -13.15
CA LEU I 83 -17.06 -16.01 -11.70
C LEU I 83 -18.17 -16.87 -11.09
N ALA I 84 -19.41 -16.46 -11.35
CA ALA I 84 -20.60 -17.13 -10.85
C ALA I 84 -20.67 -18.64 -11.13
N GLN I 85 -20.25 -19.07 -12.31
CA GLN I 85 -20.31 -20.49 -12.64
C GLN I 85 -19.46 -21.32 -11.70
N LYS I 86 -18.48 -20.69 -11.07
CA LYS I 86 -17.61 -21.38 -10.13
C LYS I 86 -18.39 -21.71 -8.86
N LEU I 87 -19.68 -21.40 -8.88
CA LEU I 87 -20.56 -21.64 -7.75
C LEU I 87 -21.87 -22.24 -8.25
N GLU I 88 -21.91 -22.57 -9.54
CA GLU I 88 -23.11 -23.14 -10.16
C GLU I 88 -24.32 -22.25 -9.88
N LEU I 89 -24.11 -20.94 -9.84
CA LEU I 89 -25.17 -19.98 -9.59
C LEU I 89 -26.36 -20.25 -10.52
N HIS I 90 -26.12 -21.00 -11.59
CA HIS I 90 -27.16 -21.31 -12.56
C HIS I 90 -28.21 -22.29 -12.03
N LYS I 91 -27.75 -23.38 -11.41
CA LYS I 91 -28.64 -24.39 -10.87
C LYS I 91 -29.39 -23.89 -9.64
N PHE I 92 -28.88 -22.83 -9.02
CA PHE I 92 -29.51 -22.28 -7.83
C PHE I 92 -30.57 -21.23 -8.11
N ILE I 93 -30.33 -20.38 -9.11
CA ILE I 93 -31.32 -19.37 -9.45
C ILE I 93 -32.60 -20.06 -9.88
N ARG I 94 -33.72 -19.36 -9.78
CA ARG I 94 -35.01 -19.94 -10.15
C ARG I 94 -35.88 -18.99 -10.96
N ILE I 95 -36.07 -19.35 -12.23
CA ILE I 95 -36.90 -18.56 -13.14
C ILE I 95 -38.04 -19.45 -13.62
N LYS I 96 -39.20 -18.84 -13.88
CA LYS I 96 -40.36 -19.60 -14.33
C LYS I 96 -40.33 -19.88 -15.83
N ARG I 97 -40.66 -18.87 -16.63
CA ARG I 97 -40.66 -19.01 -18.08
C ARG I 97 -39.35 -18.58 -18.72
N GLY I 98 -38.69 -19.52 -19.37
CA GLY I 98 -37.43 -19.22 -20.02
C GLY I 98 -36.28 -20.11 -19.57
N LYS I 99 -35.07 -19.64 -19.81
CA LYS I 99 -33.87 -20.39 -19.43
C LYS I 99 -32.77 -19.42 -19.02
N ILE I 100 -31.78 -19.92 -18.28
CA ILE I 100 -30.68 -19.09 -17.81
C ILE I 100 -29.93 -18.37 -18.93
N ASN I 101 -30.25 -17.09 -19.12
CA ASN I 101 -29.60 -16.31 -20.15
C ASN I 101 -28.16 -16.02 -19.72
N GLU I 102 -27.32 -15.65 -20.68
CA GLU I 102 -25.92 -15.35 -20.42
C GLU I 102 -25.72 -14.20 -19.44
N THR I 103 -26.28 -13.04 -19.78
CA THR I 103 -26.14 -11.86 -18.93
C THR I 103 -27.08 -11.81 -17.72
N ILE I 104 -27.93 -12.81 -17.58
CA ILE I 104 -28.85 -12.85 -16.44
C ILE I 104 -28.13 -13.42 -15.22
N ILE I 105 -27.12 -14.25 -15.48
CA ILE I 105 -26.33 -14.83 -14.39
C ILE I 105 -25.56 -13.69 -13.74
N GLY I 106 -25.29 -12.64 -14.53
CA GLY I 106 -24.56 -11.50 -14.02
C GLY I 106 -25.43 -10.55 -13.22
N ASP I 107 -26.71 -10.48 -13.57
CA ASP I 107 -27.63 -9.59 -12.87
C ASP I 107 -28.01 -10.17 -11.51
N VAL I 108 -28.01 -11.49 -11.41
CA VAL I 108 -28.32 -12.16 -10.16
C VAL I 108 -27.06 -12.19 -9.31
N PHE I 109 -25.92 -12.19 -9.99
CA PHE I 109 -24.61 -12.20 -9.34
C PHE I 109 -24.45 -10.91 -8.54
N GLU I 110 -24.75 -9.79 -9.19
CA GLU I 110 -24.67 -8.48 -8.57
C GLU I 110 -25.58 -8.45 -7.34
N ALA I 111 -26.74 -9.08 -7.47
CA ALA I 111 -27.71 -9.14 -6.40
C ALA I 111 -27.33 -10.17 -5.35
N LEU I 112 -26.43 -11.09 -5.71
CA LEU I 112 -25.99 -12.14 -4.79
C LEU I 112 -25.16 -11.56 -3.66
N TRP I 113 -24.30 -10.60 -3.98
CA TRP I 113 -23.46 -9.99 -2.97
C TRP I 113 -24.14 -8.83 -2.25
N ALA I 114 -25.14 -8.26 -2.90
CA ALA I 114 -25.89 -7.17 -2.29
C ALA I 114 -26.64 -7.85 -1.15
N ALA I 115 -26.87 -9.15 -1.31
CA ALA I 115 -27.56 -9.95 -0.31
C ALA I 115 -26.59 -10.23 0.83
N VAL I 116 -25.40 -10.71 0.49
CA VAL I 116 -24.40 -10.98 1.51
C VAL I 116 -24.14 -9.69 2.28
N TYR I 117 -23.82 -8.63 1.54
CA TYR I 117 -23.55 -7.34 2.14
C TYR I 117 -24.60 -7.00 3.18
N ILE I 118 -25.85 -6.82 2.75
CA ILE I 118 -26.94 -6.48 3.65
C ILE I 118 -27.09 -7.44 4.83
N ASP I 119 -27.26 -8.73 4.53
CA ASP I 119 -27.43 -9.72 5.58
C ASP I 119 -26.24 -9.67 6.53
N SER I 120 -25.08 -9.35 5.96
CA SER I 120 -23.86 -9.24 6.74
C SER I 120 -23.95 -8.06 7.70
N GLY I 121 -25.05 -7.31 7.60
CA GLY I 121 -25.24 -6.14 8.44
C GLY I 121 -24.53 -4.98 7.78
N ARG I 122 -24.52 -5.00 6.45
CA ARG I 122 -23.88 -3.99 5.63
C ARG I 122 -22.44 -3.74 6.03
N ASP I 123 -21.67 -4.80 6.15
CA ASP I 123 -20.26 -4.70 6.49
C ASP I 123 -19.47 -4.81 5.19
N ALA I 124 -19.19 -3.67 4.55
CA ALA I 124 -18.45 -3.65 3.31
C ALA I 124 -17.12 -4.39 3.48
N ASN I 125 -16.40 -4.07 4.55
CA ASN I 125 -15.12 -4.71 4.81
C ASN I 125 -15.27 -6.22 4.72
N PHE I 126 -16.25 -6.75 5.44
CA PHE I 126 -16.51 -8.18 5.46
C PHE I 126 -16.96 -8.68 4.08
N THR I 127 -18.06 -8.13 3.60
CA THR I 127 -18.62 -8.52 2.31
C THR I 127 -17.57 -8.43 1.20
N ARG I 128 -16.52 -7.64 1.42
CA ARG I 128 -15.46 -7.47 0.44
C ARG I 128 -14.42 -8.58 0.59
N GLU I 129 -14.02 -8.85 1.83
CA GLU I 129 -13.02 -9.87 2.10
C GLU I 129 -13.50 -11.26 1.71
N LEU I 130 -14.79 -11.51 1.87
CA LEU I 130 -15.32 -12.81 1.50
C LEU I 130 -15.15 -12.92 0.00
N PHE I 131 -15.59 -11.90 -0.72
CA PHE I 131 -15.50 -11.83 -2.19
C PHE I 131 -14.08 -12.11 -2.70
N TYR I 132 -13.08 -11.56 -2.01
CA TYR I 132 -11.69 -11.79 -2.39
C TYR I 132 -11.26 -13.21 -2.06
N LYS I 133 -11.77 -13.74 -0.96
CA LYS I 133 -11.47 -15.09 -0.53
C LYS I 133 -11.63 -16.06 -1.69
N LEU I 134 -12.52 -15.72 -2.61
CA LEU I 134 -12.79 -16.54 -3.78
C LEU I 134 -12.23 -15.91 -5.06
N PHE I 135 -13.03 -15.06 -5.67
CA PHE I 135 -12.70 -14.36 -6.92
C PHE I 135 -11.42 -13.51 -6.94
N LYS I 136 -10.45 -13.78 -6.07
CA LYS I 136 -9.23 -12.98 -6.10
C LYS I 136 -8.32 -13.45 -7.21
N GLU I 137 -7.97 -14.74 -7.17
CA GLU I 137 -7.08 -15.33 -8.18
C GLU I 137 -7.60 -15.06 -9.58
N ASP I 138 -8.90 -15.25 -9.79
CA ASP I 138 -9.50 -15.01 -11.10
C ASP I 138 -9.28 -13.57 -11.55
N ILE I 139 -9.75 -12.62 -10.75
CA ILE I 139 -9.58 -11.21 -11.08
C ILE I 139 -8.09 -10.93 -11.27
N LEU I 140 -7.28 -11.53 -10.42
CA LEU I 140 -5.84 -11.37 -10.46
C LEU I 140 -5.24 -11.86 -11.78
N SER I 141 -5.98 -12.72 -12.48
CA SER I 141 -5.52 -13.27 -13.76
C SER I 141 -6.20 -12.60 -14.95
N ALA I 142 -7.47 -12.24 -14.80
CA ALA I 142 -8.21 -11.60 -15.88
C ALA I 142 -7.63 -10.22 -16.20
N ILE I 143 -6.56 -9.86 -15.51
CA ILE I 143 -5.90 -8.57 -15.70
C ILE I 143 -4.64 -8.74 -16.56
N LYS I 144 -3.97 -9.89 -16.43
CA LYS I 144 -2.77 -10.17 -17.18
C LYS I 144 -3.10 -10.52 -18.63
N GLU I 145 -3.79 -11.64 -18.84
CA GLU I 145 -4.17 -12.07 -20.18
C GLU I 145 -5.11 -11.07 -20.84
N GLY I 146 -6.36 -11.06 -20.39
CA GLY I 146 -7.36 -10.17 -20.95
C GLY I 146 -8.49 -10.97 -21.55
N ARG I 147 -9.58 -10.30 -21.89
CA ARG I 147 -10.75 -10.96 -22.47
C ARG I 147 -10.42 -11.73 -23.75
N VAL I 148 -9.59 -11.14 -24.61
CA VAL I 148 -9.20 -11.78 -25.85
C VAL I 148 -7.75 -12.25 -25.83
N LYS I 149 -7.01 -11.86 -24.79
CA LYS I 149 -5.61 -12.24 -24.67
C LYS I 149 -4.86 -11.75 -25.90
N LYS I 150 -4.90 -10.45 -26.13
CA LYS I 150 -4.22 -9.85 -27.26
C LYS I 150 -2.74 -10.18 -27.15
N ASP I 151 -2.04 -10.21 -28.28
CA ASP I 151 -0.61 -10.50 -28.26
C ASP I 151 0.14 -9.23 -27.82
N TYR I 152 1.41 -9.38 -27.47
CA TYR I 152 2.20 -8.24 -27.01
C TYR I 152 2.25 -7.04 -27.93
N LYS I 153 2.66 -7.23 -29.18
CA LYS I 153 2.73 -6.13 -30.11
C LYS I 153 1.43 -5.33 -30.11
N THR I 154 0.31 -6.05 -30.15
CA THR I 154 -1.01 -5.42 -30.14
C THR I 154 -1.21 -4.59 -28.89
N ILE I 155 -0.98 -5.19 -27.73
CA ILE I 155 -1.15 -4.50 -26.46
C ILE I 155 -0.36 -3.21 -26.42
N LEU I 156 0.92 -3.28 -26.79
CA LEU I 156 1.78 -2.10 -26.78
C LEU I 156 1.20 -1.00 -27.66
N GLN I 157 0.76 -1.37 -28.85
CA GLN I 157 0.20 -0.42 -29.79
C GLN I 157 -0.99 0.34 -29.23
N GLU I 158 -1.86 -0.36 -28.50
CA GLU I 158 -3.02 0.29 -27.93
C GLU I 158 -2.55 1.23 -26.83
N ILE I 159 -1.54 0.80 -26.09
CA ILE I 159 -0.97 1.62 -25.02
C ILE I 159 -0.43 2.93 -25.59
N THR I 160 0.52 2.82 -26.51
CA THR I 160 1.13 3.98 -27.13
C THR I 160 0.11 4.90 -27.80
N GLN I 161 -0.86 4.32 -28.48
CA GLN I 161 -1.86 5.12 -29.17
C GLN I 161 -2.75 5.86 -28.18
N LYS I 162 -3.04 5.21 -27.05
CA LYS I 162 -3.88 5.82 -26.03
C LYS I 162 -3.19 7.00 -25.35
N ARG I 163 -1.97 6.76 -24.89
CA ARG I 163 -1.21 7.79 -24.21
C ARG I 163 -0.61 8.85 -25.13
N TRP I 164 -0.12 8.45 -26.30
CA TRP I 164 0.48 9.40 -27.21
C TRP I 164 -0.12 9.49 -28.61
N LYS I 165 -1.24 8.81 -28.82
CA LYS I 165 -1.89 8.83 -30.13
C LYS I 165 -0.92 8.48 -31.26
N GLU I 166 -0.06 7.49 -31.02
CA GLU I 166 0.90 7.06 -32.03
C GLU I 166 1.44 5.67 -31.76
N ARG I 167 1.84 4.99 -32.83
CA ARG I 167 2.37 3.63 -32.74
C ARG I 167 3.89 3.60 -32.58
N PRO I 168 4.42 2.52 -31.98
CA PRO I 168 5.86 2.34 -31.78
C PRO I 168 6.60 1.94 -33.05
N GLU I 169 7.93 1.85 -32.95
CA GLU I 169 8.73 1.47 -34.09
C GLU I 169 9.57 0.23 -33.85
N TYR I 170 9.47 -0.71 -34.79
CA TYR I 170 10.24 -1.97 -34.73
C TYR I 170 11.22 -1.91 -35.89
N ARG I 171 12.41 -2.48 -35.71
CA ARG I 171 13.43 -2.49 -36.76
C ARG I 171 14.44 -3.59 -36.52
N LEU I 172 14.77 -4.34 -37.56
CA LEU I 172 15.73 -5.43 -37.44
C LEU I 172 17.13 -4.87 -37.20
N ILE I 173 17.89 -5.55 -36.34
CA ILE I 173 19.24 -5.11 -36.02
C ILE I 173 20.28 -6.07 -36.53
N SER I 174 19.98 -7.37 -36.51
CA SER I 174 20.94 -8.37 -36.97
C SER I 174 20.45 -9.80 -36.88
N VAL I 175 21.24 -10.71 -37.43
CA VAL I 175 20.92 -12.14 -37.43
C VAL I 175 22.09 -12.91 -36.81
N GLU I 176 21.79 -14.02 -36.15
CA GLU I 176 22.81 -14.83 -35.48
C GLU I 176 22.67 -16.33 -35.72
N GLY I 177 23.74 -17.07 -35.45
CA GLY I 177 23.77 -18.53 -35.62
C GLY I 177 23.92 -19.01 -37.09
N PRO I 178 23.76 -20.33 -37.25
CA PRO I 178 23.86 -20.95 -38.58
C PRO I 178 22.81 -20.43 -39.58
N HIS I 179 22.96 -20.76 -40.83
CA HIS I 179 22.08 -20.29 -41.89
C HIS I 179 20.68 -20.92 -41.92
N HIS I 180 20.54 -22.02 -41.19
CA HIS I 180 19.29 -22.76 -41.12
C HIS I 180 18.64 -22.50 -39.77
N LYS I 181 19.47 -22.34 -38.76
CA LYS I 181 18.99 -22.05 -37.41
C LYS I 181 19.51 -20.69 -36.96
N LYS I 182 19.01 -19.64 -37.61
CA LYS I 182 19.42 -18.28 -37.32
C LYS I 182 18.52 -17.59 -36.30
N LYS I 183 19.05 -16.55 -35.65
CA LYS I 183 18.31 -15.80 -34.64
C LYS I 183 18.30 -14.31 -34.97
N PHE I 184 17.14 -13.69 -34.84
CA PHE I 184 16.98 -12.27 -35.13
C PHE I 184 17.02 -11.39 -33.89
N ILE I 185 17.41 -10.12 -34.09
CA ILE I 185 17.49 -9.15 -33.00
C ILE I 185 16.77 -7.89 -33.44
N VAL I 186 15.62 -7.62 -32.84
CA VAL I 186 14.85 -6.43 -33.20
C VAL I 186 14.73 -5.45 -32.03
N GLU I 187 14.67 -4.17 -32.37
CA GLU I 187 14.55 -3.13 -31.37
C GLU I 187 13.18 -2.50 -31.38
N ALA I 188 12.53 -2.49 -30.21
CA ALA I 188 11.21 -1.89 -30.06
C ALA I 188 11.48 -0.48 -29.53
N LYS I 189 10.84 0.52 -30.12
CA LYS I 189 11.07 1.89 -29.68
C LYS I 189 9.88 2.82 -29.83
N ILE I 190 9.67 3.64 -28.81
CA ILE I 190 8.58 4.61 -28.80
C ILE I 190 9.16 5.90 -28.23
N LYS I 191 9.03 7.00 -28.98
CA LYS I 191 9.56 8.26 -28.52
C LYS I 191 11.01 8.11 -28.05
N GLU I 192 11.22 8.13 -26.74
CA GLU I 192 12.57 8.03 -26.18
C GLU I 192 12.80 6.77 -25.34
N TYR I 193 12.11 5.70 -25.68
CA TYR I 193 12.26 4.43 -24.96
C TYR I 193 12.66 3.36 -25.95
N ARG I 194 13.28 2.29 -25.48
CA ARG I 194 13.70 1.22 -26.38
C ARG I 194 14.13 -0.05 -25.67
N THR I 195 13.80 -1.18 -26.28
CA THR I 195 14.16 -2.49 -25.74
C THR I 195 14.62 -3.37 -26.89
N LEU I 196 15.30 -4.47 -26.56
CA LEU I 196 15.79 -5.38 -27.58
C LEU I 196 15.17 -6.76 -27.46
N GLY I 197 14.76 -7.32 -28.59
CA GLY I 197 14.16 -8.64 -28.60
C GLY I 197 14.89 -9.60 -29.50
N GLU I 198 15.00 -10.85 -29.06
CA GLU I 198 15.68 -11.89 -29.82
C GLU I 198 14.72 -13.05 -30.09
N GLY I 199 14.76 -13.60 -31.31
CA GLY I 199 13.87 -14.70 -31.63
C GLY I 199 14.28 -15.54 -32.84
N LYS I 200 13.61 -16.68 -33.00
CA LYS I 200 13.87 -17.59 -34.11
C LYS I 200 13.29 -17.02 -35.39
N SER I 201 12.49 -15.97 -35.23
CA SER I 201 11.84 -15.29 -36.34
C SER I 201 11.70 -13.82 -35.98
N LYS I 202 11.68 -12.96 -36.99
CA LYS I 202 11.56 -11.52 -36.76
C LYS I 202 10.39 -11.18 -35.83
N LYS I 203 9.20 -11.71 -36.13
CA LYS I 203 8.05 -11.43 -35.29
C LYS I 203 8.23 -11.95 -33.86
N GLU I 204 8.71 -13.17 -33.74
CA GLU I 204 8.93 -13.74 -32.41
C GLU I 204 9.80 -12.75 -31.65
N ALA I 205 10.78 -12.19 -32.34
CA ALA I 205 11.70 -11.23 -31.74
C ALA I 205 11.01 -9.90 -31.43
N GLU I 206 10.19 -9.41 -32.34
CA GLU I 206 9.50 -8.14 -32.12
C GLU I 206 8.55 -8.30 -30.95
N GLN I 207 7.87 -9.43 -30.92
CA GLN I 207 6.92 -9.72 -29.87
C GLN I 207 7.61 -9.58 -28.51
N ARG I 208 8.71 -10.29 -28.34
CA ARG I 208 9.46 -10.24 -27.09
C ARG I 208 9.83 -8.80 -26.76
N ALA I 209 10.31 -8.08 -27.75
CA ALA I 209 10.70 -6.68 -27.55
C ALA I 209 9.47 -5.89 -27.12
N ALA I 210 8.31 -6.29 -27.61
CA ALA I 210 7.08 -5.60 -27.25
C ALA I 210 6.80 -5.78 -25.75
N GLU I 211 6.77 -7.01 -25.28
CA GLU I 211 6.50 -7.28 -23.87
C GLU I 211 7.60 -6.74 -22.97
N GLU I 212 8.64 -6.18 -23.55
CA GLU I 212 9.73 -5.63 -22.76
C GLU I 212 9.58 -4.11 -22.69
N LEU I 213 9.04 -3.55 -23.77
CA LEU I 213 8.82 -2.12 -23.84
C LEU I 213 7.54 -1.81 -23.08
N ILE I 214 6.72 -2.85 -22.89
CA ILE I 214 5.47 -2.73 -22.16
C ILE I 214 5.83 -2.54 -20.69
N LYS I 215 6.70 -3.42 -20.18
CA LYS I 215 7.12 -3.33 -18.78
C LYS I 215 7.82 -2.01 -18.54
N LEU I 216 8.78 -1.66 -19.40
CA LEU I 216 9.52 -0.42 -19.25
C LEU I 216 8.58 0.79 -19.31
N LEU I 217 7.40 0.61 -19.90
CA LEU I 217 6.43 1.68 -20.01
C LEU I 217 5.48 1.76 -18.80
N GLU I 218 5.28 0.61 -18.15
CA GLU I 218 4.42 0.54 -16.98
C GLU I 218 5.20 1.03 -15.75
N GLU I 219 6.52 1.06 -15.90
CA GLU I 219 7.40 1.50 -14.83
C GLU I 219 7.81 2.95 -15.07
N SER I 220 7.00 3.65 -15.83
CA SER I 220 7.27 5.05 -16.14
C SER I 220 6.94 5.93 -14.93
N LYS J 2 1.46 22.74 7.67
CA LYS J 2 0.84 22.93 6.32
C LYS J 2 -0.62 23.35 6.47
N MET J 3 -1.13 24.09 5.50
CA MET J 3 -2.52 24.54 5.54
C MET J 3 -3.49 23.40 5.32
N LEU J 4 -2.97 22.17 5.25
CA LEU J 4 -3.79 20.99 5.07
C LEU J 4 -4.84 20.92 6.16
N GLU J 5 -4.40 21.10 7.40
CA GLU J 5 -5.27 21.06 8.58
C GLU J 5 -6.62 21.74 8.36
N GLN J 6 -6.65 22.79 7.55
CA GLN J 6 -7.89 23.52 7.27
C GLN J 6 -8.89 22.67 6.50
N LEU J 7 -8.40 21.57 5.92
CA LEU J 7 -9.26 20.66 5.18
C LEU J 7 -9.61 19.48 6.07
N GLU J 8 -8.62 18.96 6.78
CA GLU J 8 -8.84 17.85 7.67
C GLU J 8 -9.95 18.20 8.65
N LYS J 9 -9.96 19.46 9.12
CA LYS J 9 -10.97 19.92 10.05
C LYS J 9 -12.38 19.81 9.49
N LYS J 10 -12.54 20.25 8.24
CA LYS J 10 -13.84 20.19 7.58
C LYS J 10 -14.16 18.74 7.23
N LEU J 11 -13.15 18.02 6.77
CA LEU J 11 -13.30 16.62 6.39
C LEU J 11 -13.74 15.81 7.61
N GLY J 12 -13.04 16.01 8.73
CA GLY J 12 -13.36 15.29 9.95
C GLY J 12 -12.42 14.11 10.15
N TYR J 13 -11.31 14.13 9.42
CA TYR J 13 -10.33 13.07 9.50
C TYR J 13 -8.93 13.68 9.42
N THR J 14 -7.99 13.10 10.15
CA THR J 14 -6.62 13.59 10.16
C THR J 14 -5.66 12.57 9.57
N PHE J 15 -5.23 12.81 8.34
CA PHE J 15 -4.32 11.91 7.64
C PHE J 15 -3.06 11.59 8.43
N LYS J 16 -2.56 10.37 8.25
CA LYS J 16 -1.35 9.92 8.93
C LYS J 16 -0.22 10.05 7.91
N ASP J 17 -0.58 9.97 6.64
CA ASP J 17 0.36 10.11 5.52
C ASP J 17 -0.05 11.35 4.73
N LYS J 18 0.64 12.45 4.97
CA LYS J 18 0.33 13.71 4.33
C LYS J 18 0.45 13.73 2.80
N SER J 19 1.59 13.33 2.26
CA SER J 19 1.77 13.31 0.82
C SER J 19 0.54 12.75 0.13
N LEU J 20 -0.08 11.75 0.77
CA LEU J 20 -1.26 11.11 0.21
C LEU J 20 -2.35 12.13 -0.01
N LEU J 21 -2.72 12.83 1.05
CA LEU J 21 -3.77 13.85 0.99
C LEU J 21 -3.44 14.90 -0.08
N GLU J 22 -2.19 15.35 -0.13
CA GLU J 22 -1.78 16.34 -1.12
C GLU J 22 -1.93 15.79 -2.53
N LYS J 23 -1.57 14.53 -2.72
CA LYS J 23 -1.68 13.90 -4.03
C LYS J 23 -3.08 14.04 -4.61
N ALA J 24 -4.08 13.66 -3.84
CA ALA J 24 -5.47 13.74 -4.29
C ALA J 24 -5.86 15.18 -4.60
N LEU J 25 -5.16 16.13 -3.98
CA LEU J 25 -5.43 17.54 -4.16
C LEU J 25 -4.66 18.12 -5.34
N THR J 26 -3.39 17.77 -5.43
CA THR J 26 -2.52 18.25 -6.48
C THR J 26 -2.89 17.69 -7.87
N HIS J 27 -2.95 18.58 -8.85
CA HIS J 27 -3.29 18.21 -10.22
C HIS J 27 -2.01 17.95 -11.01
N VAL J 28 -2.14 17.25 -12.13
CA VAL J 28 -1.00 16.94 -12.97
C VAL J 28 -0.25 18.18 -13.45
N SER J 29 -1.00 19.20 -13.85
CA SER J 29 -0.40 20.45 -14.32
C SER J 29 0.52 21.06 -13.26
N TYR J 30 0.31 20.69 -12.00
CA TYR J 30 1.13 21.20 -10.92
C TYR J 30 2.32 20.26 -10.69
N SER J 31 2.08 18.96 -10.83
CA SER J 31 3.13 17.97 -10.66
C SER J 31 2.71 16.66 -11.32
N LYS J 32 3.29 16.40 -12.49
CA LYS J 32 3.00 15.20 -13.26
C LYS J 32 3.58 13.96 -12.59
N LYS J 33 4.25 14.15 -11.46
CA LYS J 33 4.86 13.05 -10.73
C LYS J 33 3.96 12.40 -9.69
N GLU J 34 2.98 13.13 -9.18
CA GLU J 34 2.06 12.60 -8.18
C GLU J 34 0.73 13.35 -8.18
N HIS J 35 -0.15 13.04 -9.14
CA HIS J 35 -1.45 13.71 -9.21
C HIS J 35 -2.62 12.78 -8.89
N TYR J 36 -3.82 13.37 -8.83
CA TYR J 36 -5.03 12.63 -8.47
C TYR J 36 -5.65 11.71 -9.53
N GLU J 37 -4.89 11.34 -10.55
CA GLU J 37 -5.42 10.46 -11.59
C GLU J 37 -5.88 9.12 -11.02
N THR J 38 -4.97 8.44 -10.31
CA THR J 38 -5.24 7.13 -9.70
C THR J 38 -6.37 7.18 -8.68
N LEU J 39 -6.20 8.00 -7.65
CA LEU J 39 -7.20 8.14 -6.60
C LEU J 39 -8.57 8.47 -7.18
N GLU J 40 -8.60 9.32 -8.21
CA GLU J 40 -9.85 9.70 -8.83
C GLU J 40 -10.56 8.47 -9.40
N PHE J 41 -9.76 7.58 -10.00
CA PHE J 41 -10.25 6.35 -10.61
C PHE J 41 -10.95 5.49 -9.56
N LEU J 42 -10.28 5.31 -8.43
CA LEU J 42 -10.78 4.52 -7.32
C LEU J 42 -11.97 5.21 -6.66
N GLY J 43 -11.75 6.48 -6.28
CA GLY J 43 -12.79 7.26 -5.64
C GLY J 43 -14.13 7.18 -6.34
N ASP J 44 -14.10 7.04 -7.66
CA ASP J 44 -15.32 6.94 -8.45
C ASP J 44 -16.08 5.71 -7.98
N ALA J 45 -15.45 4.55 -8.09
CA ALA J 45 -16.06 3.29 -7.65
C ALA J 45 -16.54 3.43 -6.22
N LEU J 46 -15.69 3.99 -5.37
CA LEU J 46 -16.02 4.19 -3.97
C LEU J 46 -17.26 5.04 -3.84
N VAL J 47 -17.08 6.35 -3.92
CA VAL J 47 -18.19 7.29 -3.79
C VAL J 47 -19.47 6.77 -4.44
N ASN J 48 -19.35 6.16 -5.62
CA ASN J 48 -20.51 5.61 -6.29
C ASN J 48 -21.23 4.69 -5.32
N PHE J 49 -20.52 3.64 -4.90
CA PHE J 49 -21.05 2.67 -3.96
C PHE J 49 -21.71 3.38 -2.78
N PHE J 50 -20.96 4.25 -2.12
CA PHE J 50 -21.48 5.00 -0.99
C PHE J 50 -22.88 5.53 -1.31
N ILE J 51 -22.99 6.26 -2.41
CA ILE J 51 -24.25 6.87 -2.83
C ILE J 51 -25.34 5.86 -3.25
N VAL J 52 -25.02 4.98 -4.20
CA VAL J 52 -25.99 4.00 -4.65
C VAL J 52 -26.54 3.28 -3.43
N ASP J 53 -25.66 2.92 -2.51
CA ASP J 53 -26.07 2.22 -1.31
C ASP J 53 -27.07 3.08 -0.55
N LEU J 54 -26.69 4.31 -0.25
CA LEU J 54 -27.55 5.24 0.47
C LEU J 54 -28.89 5.37 -0.26
N LEU J 55 -28.81 5.51 -1.58
CA LEU J 55 -30.00 5.64 -2.43
C LEU J 55 -30.89 4.39 -2.28
N VAL J 56 -30.36 3.25 -2.69
CA VAL J 56 -31.09 1.99 -2.60
C VAL J 56 -31.78 1.83 -1.25
N GLN J 57 -31.14 2.35 -0.21
CA GLN J 57 -31.65 2.26 1.15
C GLN J 57 -32.71 3.29 1.52
N TYR J 58 -32.78 4.39 0.78
CA TYR J 58 -33.76 5.43 1.10
C TYR J 58 -34.65 5.86 -0.07
N SER J 59 -34.52 5.18 -1.21
CA SER J 59 -35.31 5.51 -2.38
C SER J 59 -36.79 5.18 -2.16
N PRO J 60 -37.67 6.16 -2.37
CA PRO J 60 -39.11 5.96 -2.20
C PRO J 60 -39.58 4.77 -3.02
N ASN J 61 -39.36 4.85 -4.33
CA ASN J 61 -39.73 3.78 -5.24
C ASN J 61 -38.48 2.95 -5.52
N LYS J 62 -38.30 1.88 -4.76
CA LYS J 62 -37.13 1.02 -4.92
C LYS J 62 -37.26 0.15 -6.15
N ARG J 63 -37.05 0.77 -7.31
CA ARG J 63 -37.14 0.08 -8.59
C ARG J 63 -36.06 0.64 -9.52
N GLU J 64 -35.33 -0.27 -10.17
CA GLU J 64 -34.26 0.14 -11.07
C GLU J 64 -34.74 1.13 -12.13
N GLY J 65 -36.02 1.04 -12.49
CA GLY J 65 -36.57 1.93 -13.49
C GLY J 65 -36.67 3.36 -13.02
N PHE J 66 -36.64 3.55 -11.69
CA PHE J 66 -36.74 4.88 -11.09
C PHE J 66 -35.38 5.31 -10.56
N LEU J 67 -34.58 4.32 -10.16
CA LEU J 67 -33.25 4.59 -9.61
C LEU J 67 -32.27 5.12 -10.65
N SER J 68 -32.04 4.33 -11.71
CA SER J 68 -31.11 4.69 -12.78
C SER J 68 -31.01 6.19 -13.09
N PRO J 69 -32.14 6.85 -13.37
CA PRO J 69 -32.15 8.29 -13.70
C PRO J 69 -31.88 9.20 -12.50
N LEU J 70 -32.34 8.76 -11.33
CA LEU J 70 -32.16 9.52 -10.10
C LEU J 70 -30.71 9.44 -9.63
N LYS J 71 -30.04 8.33 -9.96
CA LYS J 71 -28.65 8.13 -9.60
C LYS J 71 -27.75 9.01 -10.47
N ALA J 72 -28.20 9.24 -11.71
CA ALA J 72 -27.45 10.06 -12.67
C ALA J 72 -27.01 11.39 -12.04
N TYR J 73 -27.94 12.05 -11.36
CA TYR J 73 -27.68 13.32 -10.72
C TYR J 73 -26.77 13.19 -9.51
N LEU J 74 -26.89 12.06 -8.79
CA LEU J 74 -26.10 11.82 -7.59
C LEU J 74 -24.62 11.56 -7.89
N ILE J 75 -24.33 10.83 -8.95
CA ILE J 75 -22.95 10.55 -9.30
C ILE J 75 -22.44 11.48 -10.40
N SER J 76 -23.14 12.59 -10.58
CA SER J 76 -22.77 13.59 -11.59
C SER J 76 -21.87 14.65 -10.99
N GLU J 77 -21.03 15.26 -11.83
CA GLU J 77 -20.11 16.29 -11.37
C GLU J 77 -20.84 17.52 -10.87
N GLU J 78 -22.10 17.66 -11.31
CA GLU J 78 -22.92 18.80 -10.90
C GLU J 78 -23.18 18.72 -9.41
N PHE J 79 -23.60 17.54 -8.97
CA PHE J 79 -23.91 17.29 -7.56
C PHE J 79 -22.62 17.21 -6.74
N PHE J 80 -21.61 16.53 -7.27
CA PHE J 80 -20.32 16.37 -6.61
C PHE J 80 -19.77 17.69 -6.11
N ASN J 81 -20.10 18.77 -6.81
CA ASN J 81 -19.62 20.09 -6.42
C ASN J 81 -20.48 20.62 -5.29
N LEU J 82 -21.74 20.36 -5.31
CA LEU J 82 -22.66 20.81 -4.26
C LEU J 82 -22.23 20.14 -2.96
N LEU J 83 -21.61 18.97 -3.09
CA LEU J 83 -21.12 18.20 -1.94
C LEU J 83 -19.71 18.64 -1.61
N ALA J 84 -18.94 18.95 -2.64
CA ALA J 84 -17.56 19.38 -2.47
C ALA J 84 -17.49 20.80 -1.90
N GLN J 85 -18.51 21.61 -2.18
CA GLN J 85 -18.56 22.98 -1.70
C GLN J 85 -18.58 23.09 -0.18
N LYS J 86 -19.09 22.06 0.47
CA LYS J 86 -19.15 22.04 1.93
C LYS J 86 -17.72 21.95 2.46
N LEU J 87 -16.80 21.60 1.57
CA LEU J 87 -15.39 21.46 1.93
C LEU J 87 -14.57 22.60 1.33
N GLU J 88 -15.12 23.27 0.32
CA GLU J 88 -14.43 24.36 -0.36
C GLU J 88 -13.15 23.75 -0.90
N LEU J 89 -13.28 22.50 -1.35
CA LEU J 89 -12.17 21.73 -1.89
C LEU J 89 -11.26 22.52 -2.80
N HIS J 90 -11.84 23.25 -3.74
CA HIS J 90 -11.07 24.05 -4.70
C HIS J 90 -9.95 24.87 -4.07
N LYS J 91 -10.22 25.50 -2.92
CA LYS J 91 -9.22 26.30 -2.23
C LYS J 91 -7.95 25.51 -1.99
N PHE J 92 -8.10 24.23 -1.64
CA PHE J 92 -6.97 23.37 -1.34
C PHE J 92 -6.35 22.68 -2.55
N ILE J 93 -7.02 22.74 -3.69
CA ILE J 93 -6.51 22.14 -4.90
C ILE J 93 -5.18 22.79 -5.29
N ARG J 94 -4.37 22.05 -6.10
CA ARG J 94 -3.04 22.52 -6.48
C ARG J 94 -2.89 22.35 -7.97
N ILE J 95 -3.60 23.18 -8.72
CA ILE J 95 -3.58 23.16 -10.18
C ILE J 95 -2.76 24.33 -10.69
N LYS J 96 -2.25 24.21 -11.92
CA LYS J 96 -1.44 25.26 -12.52
C LYS J 96 -2.00 25.68 -13.87
N ARG J 97 -1.83 24.81 -14.86
CA ARG J 97 -2.30 25.05 -16.22
C ARG J 97 -3.82 25.12 -16.26
N GLY J 98 -4.35 26.33 -16.39
CA GLY J 98 -5.79 26.51 -16.42
C GLY J 98 -6.39 26.55 -15.03
N LYS J 99 -7.12 27.62 -14.74
CA LYS J 99 -7.75 27.78 -13.43
C LYS J 99 -8.68 26.60 -13.14
N ILE J 100 -9.23 26.56 -11.93
CA ILE J 100 -10.13 25.50 -11.52
C ILE J 100 -11.22 25.28 -12.56
N ASN J 101 -11.65 24.03 -12.71
CA ASN J 101 -12.70 23.69 -13.67
C ASN J 101 -13.86 22.96 -12.99
N GLU J 102 -15.07 23.22 -13.45
CA GLU J 102 -16.28 22.61 -12.90
C GLU J 102 -16.11 21.11 -12.70
N THR J 103 -15.43 20.45 -13.64
CA THR J 103 -15.22 19.01 -13.54
C THR J 103 -13.92 18.62 -12.89
N ILE J 104 -12.97 19.51 -12.90
CA ILE J 104 -11.70 19.16 -12.28
C ILE J 104 -11.87 18.97 -10.78
N ILE J 105 -12.66 19.82 -10.13
CA ILE J 105 -12.90 19.67 -8.71
C ILE J 105 -13.70 18.41 -8.46
N GLY J 106 -14.76 18.21 -9.24
CA GLY J 106 -15.57 17.03 -9.11
C GLY J 106 -14.72 15.78 -9.25
N ASP J 107 -13.59 15.91 -9.93
CA ASP J 107 -12.68 14.79 -10.13
C ASP J 107 -11.75 14.71 -8.92
N VAL J 108 -11.55 15.85 -8.28
CA VAL J 108 -10.72 15.93 -7.09
C VAL J 108 -11.49 15.38 -5.90
N PHE J 109 -12.81 15.57 -5.94
CA PHE J 109 -13.72 15.12 -4.89
C PHE J 109 -13.67 13.60 -4.76
N GLU J 110 -13.47 12.93 -5.89
CA GLU J 110 -13.39 11.47 -5.91
C GLU J 110 -12.01 11.00 -5.47
N ALA J 111 -10.99 11.76 -5.81
CA ALA J 111 -9.63 11.43 -5.45
C ALA J 111 -9.46 11.48 -3.95
N LEU J 112 -10.02 12.54 -3.35
CA LEU J 112 -9.94 12.75 -1.91
C LEU J 112 -10.37 11.55 -1.10
N TRP J 113 -11.65 11.17 -1.25
CA TRP J 113 -12.20 10.03 -0.52
C TRP J 113 -11.43 8.75 -0.75
N ALA J 114 -10.68 8.70 -1.84
CA ALA J 114 -9.87 7.52 -2.14
C ALA J 114 -8.68 7.62 -1.20
N ALA J 115 -8.22 8.85 -1.00
CA ALA J 115 -7.08 9.12 -0.15
C ALA J 115 -7.39 8.82 1.32
N VAL J 116 -8.62 9.12 1.73
CA VAL J 116 -9.04 8.85 3.11
C VAL J 116 -9.20 7.34 3.26
N TYR J 117 -9.83 6.73 2.27
CA TYR J 117 -10.05 5.28 2.26
C TYR J 117 -8.70 4.56 2.39
N ILE J 118 -7.75 4.93 1.55
CA ILE J 118 -6.44 4.31 1.57
C ILE J 118 -5.64 4.60 2.84
N ASP J 119 -5.86 5.78 3.42
CA ASP J 119 -5.14 6.16 4.64
C ASP J 119 -5.69 5.45 5.88
N SER J 120 -6.93 4.97 5.78
CA SER J 120 -7.55 4.27 6.91
C SER J 120 -7.23 2.77 6.92
N GLY J 121 -6.37 2.35 6.00
CA GLY J 121 -6.00 0.95 5.92
C GLY J 121 -6.97 0.20 5.03
N ARG J 122 -7.68 0.96 4.20
CA ARG J 122 -8.67 0.41 3.29
C ARG J 122 -9.88 -0.10 4.07
N ASP J 123 -10.27 0.67 5.08
CA ASP J 123 -11.41 0.36 5.94
C ASP J 123 -12.63 0.98 5.27
N ALA J 124 -13.35 0.19 4.49
CA ALA J 124 -14.52 0.70 3.80
C ALA J 124 -15.53 1.29 4.77
N ASN J 125 -15.88 0.49 5.79
CA ASN J 125 -16.85 0.89 6.81
C ASN J 125 -16.51 2.23 7.45
N PHE J 126 -15.26 2.39 7.87
CA PHE J 126 -14.84 3.63 8.49
C PHE J 126 -15.10 4.78 7.52
N THR J 127 -14.51 4.67 6.33
CA THR J 127 -14.66 5.69 5.30
C THR J 127 -16.10 6.01 4.96
N ARG J 128 -16.87 4.98 4.60
CA ARG J 128 -18.29 5.16 4.24
C ARG J 128 -19.00 5.98 5.30
N GLU J 129 -18.69 5.71 6.56
CA GLU J 129 -19.30 6.43 7.66
C GLU J 129 -18.88 7.89 7.57
N LEU J 130 -17.57 8.12 7.54
CA LEU J 130 -17.05 9.47 7.45
C LEU J 130 -17.72 10.24 6.33
N PHE J 131 -18.15 9.52 5.30
CA PHE J 131 -18.80 10.13 4.16
C PHE J 131 -20.26 10.48 4.41
N TYR J 132 -20.96 9.62 5.14
CA TYR J 132 -22.37 9.88 5.44
C TYR J 132 -22.49 11.01 6.45
N LYS J 133 -21.48 11.12 7.30
CA LYS J 133 -21.44 12.15 8.33
C LYS J 133 -21.35 13.54 7.71
N LEU J 134 -21.02 13.59 6.42
CA LEU J 134 -20.88 14.86 5.71
C LEU J 134 -21.98 15.16 4.71
N PHE J 135 -22.47 14.14 4.02
CA PHE J 135 -23.47 14.37 2.98
C PHE J 135 -24.75 13.55 3.01
N LYS J 136 -24.80 12.51 3.82
CA LYS J 136 -25.98 11.66 3.89
C LYS J 136 -27.26 12.49 3.81
N GLU J 137 -27.30 13.57 4.60
CA GLU J 137 -28.45 14.47 4.63
C GLU J 137 -28.73 15.08 3.26
N ASP J 138 -27.69 15.61 2.62
CA ASP J 138 -27.84 16.24 1.31
C ASP J 138 -28.37 15.23 0.30
N ILE J 139 -27.76 14.06 0.27
CA ILE J 139 -28.19 13.03 -0.66
C ILE J 139 -29.65 12.66 -0.42
N LEU J 140 -30.01 12.50 0.85
CA LEU J 140 -31.39 12.14 1.20
C LEU J 140 -32.35 13.19 0.69
N SER J 141 -31.88 14.44 0.65
CA SER J 141 -32.69 15.55 0.18
C SER J 141 -32.83 15.45 -1.34
N ALA J 142 -31.71 15.24 -2.02
CA ALA J 142 -31.72 15.12 -3.48
C ALA J 142 -32.62 13.97 -3.91
N ILE J 143 -32.81 13.01 -3.00
CA ILE J 143 -33.66 11.86 -3.26
C ILE J 143 -35.11 12.11 -2.90
N LYS J 144 -35.36 12.90 -1.88
CA LYS J 144 -36.73 13.23 -1.44
C LYS J 144 -37.43 14.14 -2.47
N GLU J 145 -36.61 14.88 -3.22
CA GLU J 145 -37.12 15.80 -4.22
C GLU J 145 -37.26 15.10 -5.57
N GLY J 146 -36.24 14.34 -5.94
CA GLY J 146 -36.26 13.63 -7.21
C GLY J 146 -35.36 14.28 -8.23
N ARG J 147 -34.53 15.23 -7.78
CA ARG J 147 -33.61 15.95 -8.64
C ARG J 147 -33.10 15.08 -9.79
N VAL J 148 -33.37 15.55 -11.00
CA VAL J 148 -32.95 14.86 -12.19
C VAL J 148 -31.77 15.60 -12.82
N LYS J 149 -31.00 14.90 -13.66
CA LYS J 149 -29.83 15.50 -14.28
C LYS J 149 -30.12 16.36 -15.53
N LYS J 150 -31.24 16.07 -16.19
CA LYS J 150 -31.65 16.81 -17.38
C LYS J 150 -33.15 17.04 -17.31
N ASP J 151 -33.68 17.84 -18.23
CA ASP J 151 -35.11 18.08 -18.25
C ASP J 151 -35.79 16.75 -18.50
N TYR J 152 -37.02 16.60 -18.04
CA TYR J 152 -37.76 15.37 -18.23
C TYR J 152 -37.92 15.05 -19.70
N LYS J 153 -38.17 16.07 -20.50
CA LYS J 153 -38.39 15.87 -21.92
C LYS J 153 -37.19 15.17 -22.59
N THR J 154 -35.97 15.55 -22.22
CA THR J 154 -34.79 14.92 -22.79
C THR J 154 -34.68 13.48 -22.31
N ILE J 155 -34.85 13.29 -21.01
CA ILE J 155 -34.79 11.95 -20.43
C ILE J 155 -35.77 11.02 -21.12
N LEU J 156 -37.03 11.44 -21.17
CA LEU J 156 -38.08 10.66 -21.79
C LEU J 156 -37.71 10.25 -23.21
N GLN J 157 -37.25 11.21 -23.99
CA GLN J 157 -36.85 10.94 -25.37
C GLN J 157 -35.83 9.83 -25.42
N GLU J 158 -34.70 10.03 -24.75
CA GLU J 158 -33.64 9.04 -24.73
C GLU J 158 -34.16 7.67 -24.31
N ILE J 159 -35.09 7.67 -23.35
CA ILE J 159 -35.67 6.42 -22.87
C ILE J 159 -36.41 5.70 -24.01
N THR J 160 -37.35 6.40 -24.63
CA THR J 160 -38.13 5.82 -25.71
C THR J 160 -37.28 5.42 -26.91
N GLN J 161 -36.38 6.30 -27.35
CA GLN J 161 -35.53 5.98 -28.49
C GLN J 161 -34.74 4.71 -28.19
N LYS J 162 -34.40 4.53 -26.91
CA LYS J 162 -33.65 3.36 -26.47
C LYS J 162 -34.54 2.13 -26.59
N ARG J 163 -35.62 2.12 -25.83
CA ARG J 163 -36.57 1.03 -25.80
C ARG J 163 -37.35 0.79 -27.10
N TRP J 164 -37.69 1.86 -27.82
CA TRP J 164 -38.47 1.69 -29.05
C TRP J 164 -37.98 2.48 -30.26
N LYS J 165 -36.73 2.94 -30.25
CA LYS J 165 -36.20 3.70 -31.38
C LYS J 165 -37.23 4.69 -31.89
N GLU J 166 -38.03 5.24 -30.96
CA GLU J 166 -39.07 6.18 -31.31
C GLU J 166 -39.08 7.34 -30.31
N ARG J 167 -39.42 8.53 -30.81
CA ARG J 167 -39.48 9.71 -29.94
C ARG J 167 -40.92 9.89 -29.49
N PRO J 168 -41.13 10.58 -28.36
CA PRO J 168 -42.49 10.79 -27.86
C PRO J 168 -43.30 11.76 -28.72
N GLU J 169 -44.62 11.65 -28.64
CA GLU J 169 -45.53 12.49 -29.40
C GLU J 169 -46.17 13.53 -28.46
N TYR J 170 -46.27 14.77 -28.93
CA TYR J 170 -46.86 15.84 -28.14
C TYR J 170 -48.03 16.49 -28.89
N ARG J 171 -49.20 16.47 -28.27
CA ARG J 171 -50.40 17.05 -28.88
C ARG J 171 -51.04 18.04 -27.91
N LEU J 172 -51.48 19.18 -28.44
CA LEU J 172 -52.12 20.21 -27.63
C LEU J 172 -53.60 19.91 -27.47
N ILE J 173 -54.08 19.92 -26.23
CA ILE J 173 -55.48 19.63 -25.94
C ILE J 173 -56.26 20.88 -25.52
N SER J 174 -55.61 21.78 -24.79
CA SER J 174 -56.30 22.98 -24.31
C SER J 174 -55.37 24.20 -24.25
N VAL J 175 -55.87 25.33 -24.75
CA VAL J 175 -55.14 26.59 -24.76
C VAL J 175 -55.85 27.59 -23.88
N GLU J 176 -56.95 27.18 -23.28
CA GLU J 176 -57.74 28.08 -22.45
C GLU J 176 -58.59 27.33 -21.43
N GLY J 177 -59.16 28.07 -20.50
CA GLY J 177 -59.99 27.47 -19.49
C GLY J 177 -61.44 27.85 -19.77
N PRO J 178 -62.35 27.57 -18.84
CA PRO J 178 -63.76 27.91 -19.05
C PRO J 178 -64.02 29.42 -19.11
N HIS J 179 -63.48 30.16 -18.15
CA HIS J 179 -63.66 31.60 -18.08
C HIS J 179 -62.63 32.41 -18.88
N HIS J 180 -62.00 31.77 -19.85
CA HIS J 180 -61.02 32.41 -20.72
C HIS J 180 -59.72 32.87 -20.04
N LYS J 181 -59.05 31.96 -19.34
CA LYS J 181 -57.79 32.28 -18.69
C LYS J 181 -56.72 31.59 -19.53
N LYS J 182 -55.45 31.85 -19.26
CA LYS J 182 -54.39 31.22 -20.05
C LYS J 182 -53.67 30.07 -19.38
N LYS J 183 -54.00 28.85 -19.81
CA LYS J 183 -53.39 27.64 -19.29
C LYS J 183 -53.34 26.60 -20.39
N PHE J 184 -52.16 26.04 -20.62
CA PHE J 184 -51.97 25.04 -21.65
C PHE J 184 -52.04 23.61 -21.16
N ILE J 185 -52.64 22.75 -21.99
CA ILE J 185 -52.79 21.34 -21.68
C ILE J 185 -52.38 20.49 -22.88
N VAL J 186 -51.29 19.72 -22.73
CA VAL J 186 -50.82 18.86 -23.81
C VAL J 186 -50.73 17.40 -23.34
N GLU J 187 -50.89 16.47 -24.27
CA GLU J 187 -50.83 15.06 -23.94
C GLU J 187 -49.55 14.38 -24.44
N ALA J 188 -48.59 14.21 -23.54
CA ALA J 188 -47.35 13.54 -23.90
C ALA J 188 -47.77 12.10 -24.18
N LYS J 189 -47.34 11.55 -25.30
CA LYS J 189 -47.73 10.19 -25.65
C LYS J 189 -46.62 9.37 -26.30
N ILE J 190 -46.60 8.08 -25.98
CA ILE J 190 -45.62 7.15 -26.54
C ILE J 190 -46.35 5.83 -26.66
N LYS J 191 -46.22 5.18 -27.81
CA LYS J 191 -46.90 3.91 -28.05
C LYS J 191 -48.38 4.08 -27.69
N GLU J 192 -48.84 3.38 -26.67
CA GLU J 192 -50.23 3.46 -26.24
C GLU J 192 -50.34 4.12 -24.87
N TYR J 193 -49.20 4.48 -24.30
CA TYR J 193 -49.16 5.14 -23.00
C TYR J 193 -49.36 6.63 -23.17
N ARG J 194 -50.36 7.19 -22.48
CA ARG J 194 -50.64 8.62 -22.59
C ARG J 194 -50.76 9.29 -21.24
N THR J 195 -50.38 10.56 -21.18
CA THR J 195 -50.44 11.33 -19.94
C THR J 195 -50.80 12.79 -20.22
N LEU J 196 -51.19 13.52 -19.17
CA LEU J 196 -51.56 14.93 -19.32
C LEU J 196 -50.60 15.85 -18.56
N GLY J 197 -50.47 17.08 -19.05
CA GLY J 197 -49.60 18.05 -18.41
C GLY J 197 -50.02 19.48 -18.70
N GLU J 198 -50.27 20.25 -17.63
CA GLU J 198 -50.68 21.64 -17.77
C GLU J 198 -49.53 22.57 -17.42
N GLY J 199 -49.50 23.74 -18.05
CA GLY J 199 -48.43 24.68 -17.76
C GLY J 199 -48.75 26.07 -18.25
N LYS J 200 -48.04 27.06 -17.71
CA LYS J 200 -48.22 28.45 -18.09
C LYS J 200 -47.77 28.63 -19.53
N SER J 201 -47.08 27.61 -20.04
CA SER J 201 -46.59 27.64 -21.42
C SER J 201 -46.70 26.27 -22.07
N LYS J 202 -46.86 26.26 -23.40
CA LYS J 202 -46.98 25.02 -24.17
C LYS J 202 -45.77 24.12 -23.90
N LYS J 203 -44.66 24.75 -23.50
CA LYS J 203 -43.42 24.04 -23.21
C LYS J 203 -43.43 23.53 -21.77
N GLU J 204 -43.80 24.40 -20.85
CA GLU J 204 -43.87 24.06 -19.43
C GLU J 204 -44.90 22.94 -19.24
N ALA J 205 -45.87 22.89 -20.15
CA ALA J 205 -46.93 21.88 -20.11
C ALA J 205 -46.42 20.57 -20.68
N GLU J 206 -45.44 20.65 -21.57
CA GLU J 206 -44.84 19.48 -22.20
C GLU J 206 -43.75 18.86 -21.35
N GLN J 207 -43.24 19.63 -20.38
CA GLN J 207 -42.20 19.14 -19.47
C GLN J 207 -42.87 18.44 -18.31
N ARG J 208 -44.13 18.78 -18.08
CA ARG J 208 -44.91 18.18 -17.03
C ARG J 208 -45.35 16.82 -17.56
N ALA J 209 -46.06 16.86 -18.68
CA ALA J 209 -46.57 15.64 -19.32
C ALA J 209 -45.46 14.62 -19.54
N ALA J 210 -44.23 15.10 -19.67
CA ALA J 210 -43.08 14.23 -19.88
C ALA J 210 -42.75 13.57 -18.55
N GLU J 211 -42.68 14.38 -17.51
CA GLU J 211 -42.38 13.89 -16.18
C GLU J 211 -43.35 12.77 -15.82
N GLU J 212 -44.60 12.92 -16.24
CA GLU J 212 -45.64 11.92 -15.97
C GLU J 212 -45.42 10.66 -16.78
N LEU J 213 -45.07 10.81 -18.06
CA LEU J 213 -44.84 9.68 -18.93
C LEU J 213 -43.58 8.93 -18.53
N ILE J 214 -42.83 9.50 -17.58
CA ILE J 214 -41.61 8.86 -17.11
C ILE J 214 -41.95 7.85 -16.03
N LYS J 215 -42.88 8.23 -15.15
CA LYS J 215 -43.31 7.35 -14.07
C LYS J 215 -44.14 6.22 -14.69
N LEU J 216 -45.08 6.60 -15.55
CA LEU J 216 -45.97 5.64 -16.20
C LEU J 216 -45.20 4.65 -17.08
N LEU J 217 -43.89 4.54 -16.87
CA LEU J 217 -43.08 3.62 -17.66
C LEU J 217 -42.04 2.89 -16.82
N GLU J 218 -41.82 3.38 -15.60
CA GLU J 218 -40.84 2.78 -14.70
C GLU J 218 -41.06 1.27 -14.57
N GLU J 219 -42.32 0.87 -14.46
CA GLU J 219 -42.69 -0.54 -14.32
C GLU J 219 -43.15 -1.14 -15.65
N SER J 220 -43.10 -0.32 -16.71
CA SER J 220 -43.51 -0.76 -18.03
C SER J 220 -44.92 -1.34 -18.01
N LYS K 2 17.67 33.05 20.24
CA LYS K 2 19.04 32.50 20.47
C LYS K 2 19.60 31.93 19.17
N MET K 3 20.60 31.07 19.29
CA MET K 3 21.22 30.45 18.13
C MET K 3 20.35 29.30 17.63
N LEU K 4 20.03 28.36 18.53
CA LEU K 4 19.21 27.21 18.17
C LEU K 4 17.80 27.58 17.71
N GLU K 5 17.28 28.69 18.21
CA GLU K 5 15.95 29.12 17.84
C GLU K 5 15.87 29.37 16.33
N GLN K 6 17.04 29.43 15.70
CA GLN K 6 17.13 29.65 14.25
C GLN K 6 17.12 28.30 13.55
N LEU K 7 17.59 27.28 14.26
CA LEU K 7 17.61 25.91 13.74
C LEU K 7 16.17 25.42 13.68
N GLU K 8 15.42 25.75 14.72
CA GLU K 8 14.01 25.37 14.81
C GLU K 8 13.26 25.87 13.59
N LYS K 9 13.71 27.01 13.06
CA LYS K 9 13.08 27.60 11.88
C LYS K 9 13.35 26.73 10.66
N LYS K 10 14.48 26.03 10.70
CA LYS K 10 14.88 25.15 9.61
C LYS K 10 14.02 23.89 9.65
N LEU K 11 14.03 23.23 10.80
CA LEU K 11 13.25 22.01 11.00
C LEU K 11 11.75 22.28 10.87
N GLY K 12 11.35 23.49 11.26
CA GLY K 12 9.95 23.83 11.20
C GLY K 12 9.27 23.28 12.44
N TYR K 13 10.09 23.05 13.47
CA TYR K 13 9.61 22.51 14.74
C TYR K 13 10.33 23.17 15.91
N THR K 14 9.58 23.88 16.75
CA THR K 14 10.16 24.55 17.92
C THR K 14 9.95 23.72 19.19
N PHE K 15 11.04 23.31 19.82
CA PHE K 15 10.98 22.51 21.03
C PHE K 15 10.29 23.18 22.20
N LYS K 16 9.81 22.36 23.13
CA LYS K 16 9.16 22.84 24.34
C LYS K 16 10.24 22.85 25.41
N ASP K 17 10.84 21.68 25.62
CA ASP K 17 11.92 21.52 26.58
C ASP K 17 13.22 21.75 25.83
N LYS K 18 13.68 22.99 25.80
CA LYS K 18 14.91 23.34 25.10
C LYS K 18 16.08 22.50 25.57
N SER K 19 16.01 22.04 26.82
CA SER K 19 17.06 21.21 27.41
C SER K 19 17.40 20.02 26.53
N LEU K 20 16.40 19.50 25.82
CA LEU K 20 16.61 18.35 24.95
C LEU K 20 17.47 18.72 23.74
N LEU K 21 16.97 19.60 22.89
CA LEU K 21 17.72 20.02 21.71
C LEU K 21 19.16 20.35 22.08
N GLU K 22 19.37 20.81 23.30
CA GLU K 22 20.72 21.14 23.76
C GLU K 22 21.46 19.84 24.04
N LYS K 23 20.90 19.02 24.94
CA LYS K 23 21.50 17.75 25.31
C LYS K 23 21.75 16.87 24.08
N ALA K 24 21.20 17.29 22.95
CA ALA K 24 21.36 16.56 21.71
C ALA K 24 22.39 17.22 20.81
N LEU K 25 22.92 18.36 21.26
CA LEU K 25 23.91 19.09 20.49
C LEU K 25 25.25 19.15 21.20
N THR K 26 25.28 18.73 22.46
CA THR K 26 26.51 18.75 23.25
C THR K 26 27.30 17.44 23.12
N HIS K 27 28.62 17.58 22.99
CA HIS K 27 29.52 16.44 22.86
C HIS K 27 30.06 16.11 24.25
N VAL K 28 30.37 14.84 24.49
CA VAL K 28 30.89 14.41 25.79
C VAL K 28 32.03 15.31 26.26
N SER K 29 32.74 15.91 25.31
CA SER K 29 33.85 16.80 25.63
C SER K 29 33.31 18.11 26.20
N TYR K 30 32.27 18.64 25.56
CA TYR K 30 31.67 19.89 26.01
C TYR K 30 31.17 19.73 27.45
N SER K 31 30.60 18.57 27.74
CA SER K 31 30.09 18.27 29.07
C SER K 31 30.18 16.77 29.35
N LYS K 32 30.59 16.42 30.56
CA LYS K 32 30.74 15.02 30.94
C LYS K 32 29.44 14.39 31.42
N LYS K 33 28.49 15.24 31.83
CA LYS K 33 27.20 14.76 32.30
C LYS K 33 26.05 15.39 31.52
N GLU K 34 26.22 15.50 30.20
CA GLU K 34 25.19 16.10 29.35
C GLU K 34 25.62 16.10 27.88
N HIS K 35 25.27 15.04 27.16
CA HIS K 35 25.60 14.93 25.74
C HIS K 35 24.57 14.11 24.98
N TYR K 36 24.89 13.74 23.74
CA TYR K 36 23.96 12.97 22.92
C TYR K 36 24.28 11.47 22.84
N GLU K 37 25.09 10.98 23.77
CA GLU K 37 25.45 9.57 23.77
C GLU K 37 24.23 8.65 23.78
N THR K 38 23.16 9.10 24.41
CA THR K 38 21.93 8.31 24.50
C THR K 38 20.95 8.63 23.39
N LEU K 39 20.76 9.90 23.12
CA LEU K 39 19.82 10.35 22.09
C LEU K 39 20.07 9.80 20.70
N GLU K 40 21.32 9.83 20.23
CA GLU K 40 21.62 9.31 18.90
C GLU K 40 21.29 7.82 18.82
N PHE K 41 21.22 7.17 19.97
CA PHE K 41 20.92 5.75 20.02
C PHE K 41 19.46 5.52 19.64
N LEU K 42 18.57 6.18 20.37
CA LEU K 42 17.14 6.07 20.11
C LEU K 42 16.85 6.67 18.73
N GLY K 43 17.73 7.58 18.31
CA GLY K 43 17.57 8.22 17.01
C GLY K 43 17.98 7.29 15.89
N ASP K 44 18.89 6.38 16.18
CA ASP K 44 19.37 5.42 15.19
C ASP K 44 18.16 4.71 14.60
N ALA K 45 17.43 4.04 15.49
CA ALA K 45 16.24 3.31 15.10
C ALA K 45 15.30 4.20 14.30
N LEU K 46 14.88 5.32 14.90
CA LEU K 46 13.97 6.27 14.25
C LEU K 46 14.26 6.53 12.77
N VAL K 47 15.29 7.32 12.50
CA VAL K 47 15.66 7.66 11.12
C VAL K 47 15.74 6.41 10.25
N ASN K 48 16.14 5.29 10.85
CA ASN K 48 16.24 4.04 10.13
C ASN K 48 14.83 3.66 9.67
N PHE K 49 13.92 3.59 10.63
CA PHE K 49 12.53 3.25 10.38
C PHE K 49 11.88 4.19 9.36
N PHE K 50 12.18 5.49 9.44
CA PHE K 50 11.59 6.46 8.52
C PHE K 50 12.02 6.22 7.07
N ILE K 51 13.31 6.00 6.85
CA ILE K 51 13.82 5.78 5.50
C ILE K 51 13.31 4.46 4.93
N VAL K 52 13.54 3.37 5.66
CA VAL K 52 13.09 2.05 5.23
C VAL K 52 11.64 2.09 4.79
N ASP K 53 10.80 2.70 5.62
CA ASP K 53 9.37 2.82 5.39
C ASP K 53 9.03 3.43 4.02
N LEU K 54 9.60 4.59 3.73
CA LEU K 54 9.35 5.29 2.46
C LEU K 54 9.92 4.52 1.27
N LEU K 55 11.02 3.81 1.53
CA LEU K 55 11.70 3.02 0.51
C LEU K 55 10.79 1.94 -0.06
N VAL K 56 10.20 1.15 0.83
CA VAL K 56 9.32 0.07 0.41
C VAL K 56 8.03 0.51 -0.29
N GLN K 57 7.33 1.47 0.28
CA GLN K 57 6.07 1.92 -0.32
C GLN K 57 6.27 2.68 -1.63
N TYR K 58 7.50 3.12 -1.86
CA TYR K 58 7.83 3.84 -3.08
C TYR K 58 8.89 3.11 -3.90
N SER K 59 8.49 1.97 -4.45
CA SER K 59 9.39 1.15 -5.26
C SER K 59 8.62 -0.04 -5.84
N PRO K 60 8.76 -0.27 -7.16
CA PRO K 60 8.10 -1.39 -7.86
C PRO K 60 8.55 -2.75 -7.32
N ASN K 61 9.57 -3.34 -7.95
CA ASN K 61 10.06 -4.63 -7.49
C ASN K 61 10.63 -4.46 -6.08
N LYS K 62 10.30 -5.39 -5.19
CA LYS K 62 10.77 -5.30 -3.82
C LYS K 62 11.31 -6.62 -3.28
N ARG K 63 12.57 -6.90 -3.57
CA ARG K 63 13.24 -8.12 -3.14
C ARG K 63 14.09 -7.83 -1.93
N GLU K 64 14.25 -8.83 -1.12
CA GLU K 64 15.09 -8.67 0.02
C GLU K 64 16.48 -8.26 -0.47
N GLY K 65 16.75 -8.50 -1.76
CA GLY K 65 18.05 -8.19 -2.32
C GLY K 65 18.12 -6.85 -3.03
N PHE K 66 16.98 -6.39 -3.53
CA PHE K 66 16.91 -5.10 -4.22
C PHE K 66 16.82 -3.95 -3.24
N LEU K 67 16.24 -4.22 -2.07
CA LEU K 67 16.07 -3.19 -1.05
C LEU K 67 17.27 -3.04 -0.13
N SER K 68 18.00 -4.14 0.09
CA SER K 68 19.17 -4.10 0.97
C SER K 68 20.26 -3.14 0.51
N PRO K 69 20.49 -3.03 -0.81
CA PRO K 69 21.54 -2.10 -1.26
C PRO K 69 21.20 -0.67 -0.86
N LEU K 70 20.05 -0.18 -1.32
CA LEU K 70 19.60 1.17 -0.98
C LEU K 70 19.75 1.33 0.52
N LYS K 71 19.21 0.45 1.29
CA LYS K 71 19.21 0.69 2.70
C LYS K 71 20.58 1.01 3.29
N ALA K 72 21.58 0.24 2.82
CA ALA K 72 23.00 0.34 3.24
C ALA K 72 23.55 1.75 3.08
N TYR K 73 23.18 2.38 1.97
CA TYR K 73 23.61 3.75 1.70
C TYR K 73 22.70 4.80 2.28
N LEU K 74 21.43 4.50 2.38
CA LEU K 74 20.42 5.43 2.88
C LEU K 74 20.54 5.73 4.36
N ILE K 75 21.18 4.83 5.11
CA ILE K 75 21.39 4.96 6.55
C ILE K 75 22.89 5.02 6.87
N SER K 76 23.64 5.46 5.87
CA SER K 76 25.08 5.59 5.95
C SER K 76 25.44 6.96 6.47
N GLU K 77 26.61 7.00 7.06
CA GLU K 77 27.15 8.22 7.57
C GLU K 77 27.18 9.28 6.48
N GLU K 78 27.50 8.84 5.25
CA GLU K 78 27.58 9.73 4.09
C GLU K 78 26.26 10.51 3.81
N PHE K 79 25.10 9.79 3.60
CA PHE K 79 23.79 10.43 3.33
C PHE K 79 23.32 11.25 4.55
N PHE K 80 23.62 10.73 5.75
CA PHE K 80 23.28 11.42 6.98
C PHE K 80 23.74 12.87 6.97
N ASN K 81 25.00 13.08 6.56
CA ASN K 81 25.55 14.44 6.52
C ASN K 81 25.19 15.16 5.23
N LEU K 82 24.50 14.46 4.33
CA LEU K 82 24.08 15.07 3.07
C LEU K 82 22.83 15.89 3.33
N LEU K 83 22.14 15.55 4.40
CA LEU K 83 20.93 16.23 4.79
C LEU K 83 21.21 17.18 5.97
N ALA K 84 22.13 16.77 6.84
CA ALA K 84 22.48 17.58 7.99
C ALA K 84 22.98 18.96 7.59
N GLN K 85 23.34 19.09 6.32
CA GLN K 85 23.83 20.34 5.77
C GLN K 85 22.69 21.30 5.46
N LYS K 86 21.59 20.76 4.93
CA LYS K 86 20.43 21.59 4.62
C LYS K 86 19.80 22.13 5.90
N LEU K 87 20.51 21.92 7.00
CA LEU K 87 20.09 22.38 8.32
C LEU K 87 21.31 23.04 8.95
N GLU K 88 22.49 22.64 8.47
CA GLU K 88 23.74 23.19 8.96
C GLU K 88 23.89 22.92 10.45
N LEU K 89 23.84 21.64 10.82
CA LEU K 89 23.94 21.22 12.21
C LEU K 89 25.27 21.56 12.86
N HIS K 90 26.35 21.45 12.09
CA HIS K 90 27.69 21.74 12.59
C HIS K 90 27.76 23.07 13.32
N LYS K 91 27.01 24.06 12.82
CA LYS K 91 26.99 25.40 13.40
C LYS K 91 26.41 25.39 14.85
N PHE K 92 25.61 24.40 15.20
CA PHE K 92 24.94 24.33 16.49
C PHE K 92 25.57 23.41 17.53
N ILE K 93 26.19 22.33 17.07
CA ILE K 93 26.84 21.39 17.99
C ILE K 93 27.74 22.16 18.95
N ARG K 94 27.93 21.60 20.15
CA ARG K 94 28.76 22.26 21.15
C ARG K 94 29.89 21.36 21.66
N ILE K 95 31.11 21.65 21.22
CA ILE K 95 32.29 20.88 21.64
C ILE K 95 33.30 21.80 22.31
N LYS K 96 33.85 21.34 23.43
CA LYS K 96 34.81 22.13 24.20
C LYS K 96 36.28 21.79 23.92
N ARG K 97 36.56 20.64 23.36
CA ARG K 97 37.95 20.29 23.32
C ARG K 97 38.57 20.13 21.93
N GLY K 98 38.29 19.01 21.29
CA GLY K 98 38.86 18.76 19.98
C GLY K 98 38.07 19.38 18.85
N LYS K 99 38.27 18.85 17.65
CA LYS K 99 37.59 19.34 16.46
C LYS K 99 36.41 18.44 16.09
N ILE K 100 35.57 18.92 15.17
CA ILE K 100 34.42 18.17 14.71
C ILE K 100 34.80 17.28 13.53
N ASN K 101 34.26 16.07 13.49
CA ASN K 101 34.55 15.12 12.42
C ASN K 101 33.36 14.93 11.48
N GLU K 102 33.28 13.75 10.89
CA GLU K 102 32.21 13.40 9.97
C GLU K 102 31.26 12.44 10.67
N THR K 103 31.78 11.94 11.84
CA THR K 103 31.01 11.02 12.66
C THR K 103 30.21 11.80 13.70
N ILE K 104 30.90 12.54 14.56
CA ILE K 104 30.25 13.31 15.60
C ILE K 104 29.22 14.29 15.05
N ILE K 105 29.24 14.49 13.73
CA ILE K 105 28.28 15.39 13.09
C ILE K 105 27.08 14.57 12.61
N GLY K 106 27.26 13.25 12.56
CA GLY K 106 26.19 12.37 12.15
C GLY K 106 25.44 11.86 13.36
N ASP K 107 26.18 11.63 14.45
CA ASP K 107 25.59 11.15 15.70
C ASP K 107 24.63 12.20 16.25
N VAL K 108 24.56 13.34 15.59
CA VAL K 108 23.67 14.41 16.01
C VAL K 108 22.42 14.40 15.14
N PHE K 109 22.59 14.04 13.87
CA PHE K 109 21.44 13.98 12.97
C PHE K 109 20.49 12.95 13.57
N GLU K 110 21.07 11.93 14.21
CA GLU K 110 20.28 10.89 14.85
C GLU K 110 19.65 11.46 16.11
N ALA K 111 20.48 11.78 17.10
CA ALA K 111 20.01 12.34 18.36
C ALA K 111 19.01 13.46 18.13
N LEU K 112 19.26 14.26 17.09
CA LEU K 112 18.39 15.38 16.75
C LEU K 112 16.92 14.95 16.73
N TRP K 113 16.62 13.90 15.97
CA TRP K 113 15.24 13.43 15.88
C TRP K 113 14.79 12.66 17.11
N ALA K 114 15.73 12.07 17.83
CA ALA K 114 15.37 11.35 19.04
C ALA K 114 14.70 12.37 19.96
N ALA K 115 15.24 13.59 19.96
CA ALA K 115 14.68 14.67 20.77
C ALA K 115 13.37 15.16 20.16
N VAL K 116 13.38 15.45 18.87
CA VAL K 116 12.18 15.91 18.18
C VAL K 116 11.07 14.92 18.50
N TYR K 117 11.47 13.65 18.57
CA TYR K 117 10.55 12.56 18.87
C TYR K 117 10.07 12.64 20.32
N ILE K 118 11.01 12.48 21.25
CA ILE K 118 10.68 12.52 22.67
C ILE K 118 9.94 13.78 23.06
N ASP K 119 10.44 14.93 22.61
CA ASP K 119 9.81 16.21 22.94
C ASP K 119 8.37 16.24 22.45
N SER K 120 8.11 15.61 21.31
CA SER K 120 6.76 15.55 20.75
C SER K 120 5.88 14.68 21.64
N GLY K 121 6.51 14.01 22.59
CA GLY K 121 5.80 13.12 23.49
C GLY K 121 5.79 11.72 22.89
N ARG K 122 6.90 11.37 22.25
CA ARG K 122 7.06 10.09 21.60
C ARG K 122 5.95 9.88 20.57
N ASP K 123 5.89 10.78 19.59
CA ASP K 123 4.88 10.70 18.54
C ASP K 123 5.52 10.42 17.19
N ALA K 124 5.69 9.14 16.90
CA ALA K 124 6.31 8.70 15.65
C ALA K 124 5.63 9.25 14.41
N ASN K 125 4.30 9.15 14.34
CA ASN K 125 3.58 9.65 13.17
C ASN K 125 3.97 11.08 12.85
N PHE K 126 3.88 11.94 13.87
CA PHE K 126 4.24 13.35 13.72
C PHE K 126 5.69 13.48 13.28
N THR K 127 6.58 12.94 14.12
CA THR K 127 8.01 12.98 13.84
C THR K 127 8.28 12.51 12.42
N ARG K 128 7.63 11.41 12.04
CA ARG K 128 7.77 10.85 10.72
C ARG K 128 7.45 11.85 9.62
N GLU K 129 6.18 12.21 9.50
CA GLU K 129 5.72 13.16 8.48
C GLU K 129 6.52 14.45 8.45
N LEU K 130 7.19 14.79 9.55
CA LEU K 130 8.01 15.99 9.61
C LEU K 130 9.28 15.67 8.82
N PHE K 131 9.89 14.55 9.17
CA PHE K 131 11.10 14.06 8.53
C PHE K 131 10.90 13.96 7.02
N TYR K 132 9.72 13.51 6.61
CA TYR K 132 9.40 13.37 5.20
C TYR K 132 9.14 14.73 4.58
N LYS K 133 8.46 15.59 5.33
CA LYS K 133 8.15 16.95 4.89
C LYS K 133 9.36 17.55 4.22
N LEU K 134 10.50 17.37 4.87
CA LEU K 134 11.77 17.92 4.38
C LEU K 134 12.49 17.00 3.39
N PHE K 135 12.79 15.78 3.83
CA PHE K 135 13.53 14.83 3.01
C PHE K 135 12.78 13.92 2.03
N LYS K 136 11.53 14.25 1.73
CA LYS K 136 10.75 13.41 0.81
C LYS K 136 11.33 13.43 -0.61
N GLU K 137 12.17 14.41 -0.91
CA GLU K 137 12.78 14.52 -2.23
C GLU K 137 14.20 14.01 -2.30
N ASP K 138 14.92 14.08 -1.18
CA ASP K 138 16.31 13.62 -1.15
C ASP K 138 16.36 12.11 -1.02
N ILE K 139 15.37 11.54 -0.35
CA ILE K 139 15.28 10.08 -0.16
C ILE K 139 14.60 9.40 -1.37
N LEU K 140 13.69 10.11 -2.10
CA LEU K 140 12.97 9.58 -3.29
C LEU K 140 13.83 9.68 -4.59
N SER K 141 14.88 10.48 -4.48
CA SER K 141 15.82 10.66 -5.59
C SER K 141 16.72 9.44 -5.65
N ALA K 142 16.96 8.84 -4.49
CA ALA K 142 17.79 7.64 -4.39
C ALA K 142 17.03 6.42 -4.91
N ILE K 143 15.78 6.64 -5.30
CA ILE K 143 14.94 5.56 -5.83
C ILE K 143 14.93 5.64 -7.34
N LYS K 144 15.30 6.80 -7.87
CA LYS K 144 15.35 7.02 -9.31
C LYS K 144 16.78 7.02 -9.84
N GLU K 145 17.69 7.60 -9.06
CA GLU K 145 19.10 7.66 -9.44
C GLU K 145 19.98 7.45 -8.21
N GLY K 146 19.69 6.38 -7.47
CA GLY K 146 20.46 6.07 -6.29
C GLY K 146 21.16 4.72 -6.38
N ARG K 147 22.26 4.59 -5.65
CA ARG K 147 23.03 3.35 -5.64
C ARG K 147 24.21 3.52 -4.66
N VAL K 148 24.93 2.42 -4.42
CA VAL K 148 26.07 2.47 -3.51
C VAL K 148 27.36 2.52 -4.29
N LYS K 149 27.33 3.25 -5.39
CA LYS K 149 28.50 3.40 -6.27
C LYS K 149 28.95 2.08 -6.92
N LYS K 150 28.22 1.00 -6.67
CA LYS K 150 28.54 -0.29 -7.25
C LYS K 150 27.90 -0.43 -8.63
N ASP K 151 28.72 -0.72 -9.63
CA ASP K 151 28.23 -0.87 -10.99
C ASP K 151 27.33 -2.06 -11.13
N TYR K 152 26.61 -2.11 -12.22
CA TYR K 152 25.66 -3.18 -12.44
C TYR K 152 26.33 -4.53 -12.53
N LYS K 153 27.31 -4.68 -13.41
CA LYS K 153 27.98 -5.96 -13.59
C LYS K 153 28.42 -6.54 -12.25
N THR K 154 28.77 -5.68 -11.30
CA THR K 154 29.19 -6.14 -9.98
C THR K 154 27.94 -6.55 -9.20
N ILE K 155 27.01 -5.61 -9.03
CA ILE K 155 25.77 -5.91 -8.31
C ILE K 155 25.25 -7.27 -8.76
N LEU K 156 24.95 -7.38 -10.04
CA LEU K 156 24.42 -8.62 -10.62
C LEU K 156 25.17 -9.84 -10.12
N GLN K 157 26.50 -9.79 -10.19
CA GLN K 157 27.34 -10.90 -9.76
C GLN K 157 27.04 -11.28 -8.32
N GLU K 158 27.39 -10.39 -7.40
CA GLU K 158 27.15 -10.64 -5.98
C GLU K 158 25.74 -11.15 -5.74
N ILE K 159 24.82 -10.76 -6.61
CA ILE K 159 23.44 -11.21 -6.49
C ILE K 159 23.32 -12.70 -6.80
N THR K 160 23.95 -13.13 -7.90
CA THR K 160 23.90 -14.53 -8.29
C THR K 160 24.71 -15.42 -7.36
N GLN K 161 25.87 -14.91 -6.94
CA GLN K 161 26.74 -15.68 -6.04
C GLN K 161 26.03 -16.00 -4.72
N LYS K 162 24.78 -15.55 -4.61
CA LYS K 162 23.97 -15.80 -3.42
C LYS K 162 22.99 -16.94 -3.69
N ARG K 163 22.10 -16.73 -4.66
CA ARG K 163 21.10 -17.72 -5.01
C ARG K 163 21.67 -19.04 -5.49
N TRP K 164 22.71 -18.99 -6.33
CA TRP K 164 23.30 -20.20 -6.86
C TRP K 164 24.83 -20.22 -6.71
N LYS K 165 25.36 -19.29 -5.93
CA LYS K 165 26.80 -19.22 -5.72
C LYS K 165 27.54 -19.25 -7.05
N GLU K 166 26.88 -18.78 -8.10
CA GLU K 166 27.47 -18.75 -9.43
C GLU K 166 27.74 -17.31 -9.87
N ARG K 167 27.94 -17.13 -11.17
CA ARG K 167 28.21 -15.82 -11.75
C ARG K 167 27.54 -15.74 -13.11
N PRO K 168 27.05 -14.55 -13.50
CA PRO K 168 26.39 -14.41 -14.80
C PRO K 168 27.33 -14.70 -15.96
N GLU K 169 26.78 -14.79 -17.17
CA GLU K 169 27.56 -15.08 -18.35
C GLU K 169 27.26 -14.05 -19.43
N TYR K 170 28.31 -13.40 -19.95
CA TYR K 170 28.16 -12.39 -20.98
C TYR K 170 28.70 -12.92 -22.30
N ARG K 171 28.22 -12.39 -23.42
CA ARG K 171 28.69 -12.83 -24.74
C ARG K 171 28.21 -11.91 -25.87
N LEU K 172 29.16 -11.45 -26.69
CA LEU K 172 28.82 -10.55 -27.79
C LEU K 172 27.94 -11.26 -28.80
N ILE K 173 26.88 -10.58 -29.23
CA ILE K 173 25.94 -11.13 -30.19
C ILE K 173 26.06 -10.47 -31.56
N SER K 174 26.31 -9.17 -31.59
CA SER K 174 26.46 -8.46 -32.85
C SER K 174 26.88 -7.01 -32.72
N VAL K 175 27.29 -6.43 -33.85
CA VAL K 175 27.71 -5.03 -33.91
C VAL K 175 26.87 -4.32 -34.97
N GLU K 176 26.56 -3.05 -34.72
CA GLU K 176 25.73 -2.28 -35.65
C GLU K 176 26.31 -0.91 -35.96
N GLY K 177 25.93 -0.36 -37.12
CA GLY K 177 26.39 0.96 -37.50
C GLY K 177 27.59 1.00 -38.42
N PRO K 178 28.13 2.20 -38.69
CA PRO K 178 29.30 2.39 -39.57
C PRO K 178 30.60 1.95 -38.89
N HIS K 179 31.61 1.61 -39.68
CA HIS K 179 32.90 1.18 -39.14
C HIS K 179 33.52 2.24 -38.23
N HIS K 180 32.82 3.35 -38.04
CA HIS K 180 33.31 4.42 -37.20
C HIS K 180 32.56 4.53 -35.88
N LYS K 181 31.25 4.77 -35.95
CA LYS K 181 30.43 4.89 -34.75
C LYS K 181 29.47 3.70 -34.68
N LYS K 182 29.99 2.55 -34.24
CA LYS K 182 29.19 1.33 -34.13
C LYS K 182 28.72 1.05 -32.70
N LYS K 183 27.92 -0.01 -32.56
CA LYS K 183 27.40 -0.41 -31.26
C LYS K 183 27.44 -1.92 -31.09
N PHE K 184 27.58 -2.36 -29.85
CA PHE K 184 27.65 -3.79 -29.53
C PHE K 184 26.41 -4.32 -28.84
N ILE K 185 26.00 -5.52 -29.23
CA ILE K 185 24.82 -6.17 -28.66
C ILE K 185 25.26 -7.35 -27.80
N VAL K 186 25.23 -7.18 -26.49
CA VAL K 186 25.65 -8.23 -25.57
C VAL K 186 24.46 -8.90 -24.89
N GLU K 187 24.67 -10.12 -24.42
CA GLU K 187 23.64 -10.89 -23.75
C GLU K 187 24.12 -11.38 -22.39
N ALA K 188 23.39 -11.02 -21.35
CA ALA K 188 23.72 -11.45 -19.99
C ALA K 188 22.93 -12.72 -19.75
N LYS K 189 23.57 -13.73 -19.18
CA LYS K 189 22.88 -15.00 -18.94
C LYS K 189 23.21 -15.65 -17.62
N ILE K 190 22.17 -16.17 -16.98
CA ILE K 190 22.31 -16.86 -15.71
C ILE K 190 21.20 -17.90 -15.66
N LYS K 191 21.54 -19.11 -15.21
CA LYS K 191 20.57 -20.18 -15.11
C LYS K 191 19.70 -20.25 -16.37
N GLU K 192 18.57 -19.57 -16.33
CA GLU K 192 17.63 -19.56 -17.44
C GLU K 192 17.01 -18.19 -17.67
N TYR K 193 17.79 -17.14 -17.47
CA TYR K 193 17.30 -15.78 -17.70
C TYR K 193 18.20 -15.12 -18.73
N ARG K 194 17.63 -14.25 -19.55
CA ARG K 194 18.40 -13.60 -20.60
C ARG K 194 17.98 -12.15 -20.84
N THR K 195 18.95 -11.33 -21.22
CA THR K 195 18.71 -9.92 -21.52
C THR K 195 19.69 -9.45 -22.59
N LEU K 196 19.30 -8.43 -23.33
CA LEU K 196 20.16 -7.89 -24.38
C LEU K 196 20.56 -6.45 -24.10
N GLY K 197 21.84 -6.17 -24.31
CA GLY K 197 22.33 -4.83 -24.07
C GLY K 197 23.10 -4.30 -25.26
N GLU K 198 22.83 -3.05 -25.61
CA GLU K 198 23.49 -2.40 -26.73
C GLU K 198 24.27 -1.21 -26.17
N GLY K 199 25.44 -0.94 -26.74
CA GLY K 199 26.24 0.17 -26.26
C GLY K 199 27.38 0.54 -27.18
N LYS K 200 28.06 1.65 -26.87
CA LYS K 200 29.18 2.11 -27.67
C LYS K 200 30.38 1.19 -27.54
N SER K 201 30.43 0.44 -26.44
CA SER K 201 31.51 -0.50 -26.18
C SER K 201 30.93 -1.80 -25.61
N LYS K 202 31.59 -2.91 -25.92
CA LYS K 202 31.15 -4.21 -25.43
C LYS K 202 30.97 -4.17 -23.92
N LYS K 203 31.86 -3.46 -23.23
CA LYS K 203 31.76 -3.37 -21.78
C LYS K 203 30.57 -2.47 -21.42
N GLU K 204 30.30 -1.47 -22.25
CA GLU K 204 29.18 -0.58 -21.96
C GLU K 204 27.90 -1.35 -22.21
N ALA K 205 27.97 -2.30 -23.14
CA ALA K 205 26.83 -3.12 -23.49
C ALA K 205 26.50 -4.05 -22.32
N GLU K 206 27.48 -4.85 -21.94
CA GLU K 206 27.32 -5.80 -20.84
C GLU K 206 26.72 -5.11 -19.63
N GLN K 207 27.24 -3.92 -19.33
CA GLN K 207 26.78 -3.14 -18.18
C GLN K 207 25.26 -2.94 -18.24
N ARG K 208 24.74 -2.60 -19.41
CA ARG K 208 23.32 -2.41 -19.57
C ARG K 208 22.59 -3.73 -19.41
N ALA K 209 23.03 -4.73 -20.16
CA ALA K 209 22.42 -6.05 -20.10
C ALA K 209 22.37 -6.55 -18.66
N ALA K 210 23.34 -6.12 -17.84
CA ALA K 210 23.37 -6.55 -16.45
C ALA K 210 22.27 -5.82 -15.69
N GLU K 211 22.05 -4.57 -16.05
CA GLU K 211 21.02 -3.77 -15.42
C GLU K 211 19.67 -4.45 -15.67
N GLU K 212 19.47 -4.87 -16.92
CA GLU K 212 18.24 -5.54 -17.32
C GLU K 212 18.10 -6.94 -16.73
N LEU K 213 19.21 -7.62 -16.54
CA LEU K 213 19.19 -8.97 -15.99
C LEU K 213 18.89 -8.97 -14.50
N ILE K 214 19.30 -7.92 -13.81
CA ILE K 214 19.05 -7.79 -12.38
C ILE K 214 17.59 -7.40 -12.22
N LYS K 215 17.21 -6.42 -13.04
CA LYS K 215 15.85 -5.88 -13.07
C LYS K 215 14.86 -7.00 -13.41
N LEU K 216 15.33 -8.01 -14.12
CA LEU K 216 14.49 -9.14 -14.51
C LEU K 216 14.70 -10.35 -13.61
N LEU K 217 15.67 -10.26 -12.71
CA LEU K 217 15.95 -11.36 -11.79
C LEU K 217 15.27 -11.09 -10.47
N GLU K 218 15.00 -9.81 -10.21
CA GLU K 218 14.32 -9.38 -8.99
C GLU K 218 12.86 -9.16 -9.33
N GLU K 219 12.46 -9.69 -10.49
CA GLU K 219 11.10 -9.57 -10.98
C GLU K 219 10.18 -10.42 -10.15
N LYS L 2 -8.64 -21.86 7.42
CA LYS L 2 -8.33 -20.55 8.06
C LYS L 2 -8.55 -20.56 9.57
N MET L 3 -7.47 -20.65 10.33
CA MET L 3 -7.56 -20.65 11.78
C MET L 3 -7.01 -19.31 12.27
N LEU L 4 -6.89 -18.37 11.34
CA LEU L 4 -6.37 -17.04 11.60
C LEU L 4 -6.95 -16.41 12.86
N GLU L 5 -8.28 -16.33 12.92
CA GLU L 5 -8.96 -15.72 14.05
C GLU L 5 -8.32 -16.03 15.41
N GLN L 6 -7.76 -17.22 15.56
CA GLN L 6 -7.13 -17.59 16.81
C GLN L 6 -5.84 -16.82 17.03
N LEU L 7 -5.25 -16.35 15.94
CA LEU L 7 -4.02 -15.56 16.00
C LEU L 7 -4.38 -14.16 16.46
N GLU L 8 -5.17 -13.48 15.63
CA GLU L 8 -5.62 -12.14 15.92
C GLU L 8 -6.10 -12.08 17.37
N LYS L 9 -6.82 -13.12 17.78
CA LYS L 9 -7.36 -13.18 19.13
C LYS L 9 -6.26 -13.04 20.18
N LYS L 10 -5.09 -13.60 19.90
CA LYS L 10 -3.98 -13.50 20.83
C LYS L 10 -3.24 -12.19 20.66
N LEU L 11 -3.43 -11.56 19.50
CA LEU L 11 -2.78 -10.28 19.20
C LEU L 11 -3.51 -9.09 19.82
N GLY L 12 -4.80 -9.01 19.53
CA GLY L 12 -5.59 -7.90 20.03
C GLY L 12 -5.80 -6.96 18.86
N TYR L 13 -5.80 -7.53 17.66
CA TYR L 13 -5.98 -6.76 16.43
C TYR L 13 -6.61 -7.63 15.35
N THR L 14 -7.63 -7.11 14.69
CA THR L 14 -8.30 -7.84 13.62
C THR L 14 -8.04 -7.19 12.26
N PHE L 15 -7.30 -7.89 11.41
CA PHE L 15 -6.95 -7.37 10.09
C PHE L 15 -8.09 -7.00 9.17
N LYS L 16 -8.01 -5.80 8.60
CA LYS L 16 -9.01 -5.32 7.66
C LYS L 16 -8.71 -6.02 6.33
N ASP L 17 -7.43 -6.28 6.10
CA ASP L 17 -6.98 -6.96 4.90
C ASP L 17 -6.45 -8.30 5.39
N LYS L 18 -7.19 -9.37 5.09
CA LYS L 18 -6.80 -10.70 5.53
C LYS L 18 -5.63 -11.25 4.73
N SER L 19 -5.67 -11.03 3.41
CA SER L 19 -4.61 -11.49 2.53
C SER L 19 -3.29 -10.80 2.85
N LEU L 20 -3.36 -9.74 3.64
CA LEU L 20 -2.17 -8.99 4.03
C LEU L 20 -1.53 -9.67 5.24
N LEU L 21 -2.34 -10.37 6.01
CA LEU L 21 -1.84 -11.09 7.18
C LEU L 21 -1.46 -12.46 6.65
N GLU L 22 -2.28 -12.96 5.74
CA GLU L 22 -2.05 -14.27 5.14
C GLU L 22 -0.70 -14.20 4.44
N LYS L 23 -0.43 -13.04 3.86
CA LYS L 23 0.81 -12.80 3.14
C LYS L 23 2.00 -12.73 4.10
N ALA L 24 1.74 -12.30 5.33
CA ALA L 24 2.78 -12.18 6.34
C ALA L 24 3.19 -13.56 6.86
N LEU L 25 2.20 -14.45 6.92
CA LEU L 25 2.40 -15.80 7.42
C LEU L 25 2.98 -16.76 6.38
N THR L 26 2.83 -16.44 5.05
CA THR L 26 3.27 -17.32 3.93
C THR L 26 4.78 -17.24 3.60
N HIS L 27 5.38 -18.42 3.47
CA HIS L 27 6.79 -18.59 3.15
C HIS L 27 6.92 -18.93 1.68
N VAL L 28 7.98 -18.39 1.02
CA VAL L 28 8.17 -18.63 -0.40
C VAL L 28 8.15 -20.09 -0.78
N SER L 29 7.89 -20.92 0.21
CA SER L 29 7.79 -22.35 -0.03
C SER L 29 6.33 -22.73 -0.09
N TYR L 30 5.54 -22.05 0.70
CA TYR L 30 4.15 -22.30 0.62
C TYR L 30 3.45 -21.43 -0.45
N SER L 31 4.06 -20.32 -0.94
CA SER L 31 3.43 -19.44 -1.93
C SER L 31 4.53 -18.74 -2.73
N LYS L 32 4.46 -18.70 -4.04
CA LYS L 32 5.56 -18.06 -4.75
C LYS L 32 5.23 -16.65 -5.13
N LYS L 33 3.99 -16.49 -5.51
CA LYS L 33 3.45 -15.21 -5.94
C LYS L 33 3.82 -14.08 -4.99
N GLU L 34 3.29 -14.20 -3.79
CA GLU L 34 3.56 -13.23 -2.78
C GLU L 34 3.72 -13.89 -1.43
N HIS L 35 4.86 -13.64 -0.79
CA HIS L 35 5.16 -14.20 0.51
C HIS L 35 5.63 -13.12 1.50
N TYR L 36 6.09 -13.55 2.67
CA TYR L 36 6.53 -12.63 3.72
C TYR L 36 7.89 -11.96 3.55
N GLU L 37 8.42 -11.90 2.34
CA GLU L 37 9.72 -11.30 2.19
C GLU L 37 9.71 -9.75 2.28
N THR L 38 8.96 -9.08 1.39
CA THR L 38 8.85 -7.61 1.35
C THR L 38 8.41 -7.03 2.70
N LEU L 39 7.38 -7.60 3.30
CA LEU L 39 6.89 -7.12 4.60
C LEU L 39 7.81 -7.48 5.74
N GLU L 40 8.82 -8.30 5.47
CA GLU L 40 9.77 -8.70 6.50
C GLU L 40 10.84 -7.62 6.60
N PHE L 41 11.15 -7.03 5.47
CA PHE L 41 12.15 -5.97 5.38
C PHE L 41 11.68 -4.76 6.18
N LEU L 42 10.43 -4.34 5.94
CA LEU L 42 9.84 -3.20 6.62
C LEU L 42 9.63 -3.52 8.10
N GLY L 43 9.20 -4.75 8.39
CA GLY L 43 8.97 -5.15 9.75
C GLY L 43 10.24 -5.16 10.62
N ASP L 44 11.37 -5.40 10.00
CA ASP L 44 12.63 -5.42 10.74
C ASP L 44 12.84 -4.06 11.42
N ALA L 45 12.56 -2.99 10.67
CA ALA L 45 12.72 -1.62 11.14
C ALA L 45 11.66 -1.19 12.15
N LEU L 46 10.41 -1.60 11.93
CA LEU L 46 9.32 -1.25 12.83
C LEU L 46 9.64 -1.81 14.22
N VAL L 47 9.84 -3.13 14.28
CA VAL L 47 10.15 -3.80 15.53
C VAL L 47 11.43 -3.26 16.15
N ASN L 48 12.43 -3.02 15.32
CA ASN L 48 13.68 -2.46 15.79
C ASN L 48 13.37 -1.21 16.60
N PHE L 49 12.73 -0.25 15.92
CA PHE L 49 12.32 1.01 16.50
C PHE L 49 11.68 0.81 17.89
N PHE L 50 10.68 -0.08 18.01
CA PHE L 50 9.93 -0.34 19.26
C PHE L 50 10.69 -0.76 20.50
N ILE L 51 11.39 -1.91 20.44
CA ILE L 51 12.12 -2.41 21.59
C ILE L 51 13.28 -1.51 21.95
N VAL L 52 13.86 -0.90 20.93
CA VAL L 52 14.98 0.01 21.16
C VAL L 52 14.57 1.18 22.09
N ASP L 53 13.43 1.83 21.84
CA ASP L 53 12.90 2.96 22.65
C ASP L 53 12.62 2.51 24.08
N LEU L 54 11.84 1.44 24.22
CA LEU L 54 11.53 0.88 25.53
C LEU L 54 12.81 0.76 26.33
N LEU L 55 13.88 0.41 25.64
CA LEU L 55 15.20 0.26 26.24
C LEU L 55 15.78 1.61 26.63
N VAL L 56 15.95 2.48 25.65
CA VAL L 56 16.48 3.83 25.85
C VAL L 56 15.72 4.56 26.94
N GLN L 57 14.66 3.93 27.45
CA GLN L 57 13.84 4.55 28.49
C GLN L 57 13.93 3.88 29.85
N TYR L 58 13.47 2.63 29.94
CA TYR L 58 13.48 1.90 31.21
C TYR L 58 14.84 1.35 31.64
N SER L 59 15.84 1.48 30.78
CA SER L 59 17.19 0.99 31.08
C SER L 59 17.81 1.75 32.25
N PRO L 60 18.38 1.00 33.22
CA PRO L 60 19.02 1.58 34.41
C PRO L 60 20.14 2.56 34.09
N ASN L 61 20.97 2.22 33.12
CA ASN L 61 22.09 3.07 32.73
C ASN L 61 21.97 3.55 31.29
N LYS L 62 21.98 4.87 31.10
CA LYS L 62 21.87 5.47 29.78
C LYS L 62 23.17 5.34 29.00
N ARG L 63 24.18 4.73 29.62
CA ARG L 63 25.47 4.54 28.99
C ARG L 63 25.32 3.89 27.62
N GLU L 64 26.08 4.38 26.64
CA GLU L 64 26.02 3.85 25.28
C GLU L 64 26.53 2.41 25.25
N GLY L 65 27.62 2.15 25.99
CA GLY L 65 28.16 0.82 25.99
C GLY L 65 27.23 -0.08 26.74
N PHE L 66 26.48 0.53 27.62
CA PHE L 66 25.58 -0.31 28.37
C PHE L 66 24.36 -0.73 27.53
N LEU L 67 24.22 -0.19 26.29
CA LEU L 67 23.04 -0.42 25.42
C LEU L 67 23.12 -1.62 24.48
N SER L 68 24.11 -1.56 23.58
CA SER L 68 24.28 -2.60 22.57
C SER L 68 24.23 -4.06 23.09
N PRO L 69 24.89 -4.30 24.22
CA PRO L 69 24.81 -5.66 24.81
C PRO L 69 23.37 -6.13 25.03
N LEU L 70 22.47 -5.17 25.20
CA LEU L 70 21.06 -5.46 25.40
C LEU L 70 20.29 -5.36 24.08
N LYS L 71 20.64 -4.34 23.32
CA LYS L 71 20.03 -4.12 22.01
C LYS L 71 20.26 -5.34 21.05
N ALA L 72 21.52 -5.80 20.85
CA ALA L 72 21.81 -6.93 19.92
C ALA L 72 20.99 -8.17 20.28
N TYR L 73 20.71 -8.30 21.58
CA TYR L 73 19.91 -9.39 22.09
C TYR L 73 18.42 -9.17 21.85
N LEU L 74 17.94 -8.00 22.25
CA LEU L 74 16.53 -7.65 22.09
C LEU L 74 16.10 -7.69 20.62
N ILE L 75 17.08 -7.75 19.73
CA ILE L 75 16.79 -7.80 18.29
C ILE L 75 17.34 -9.10 17.70
N SER L 76 17.68 -10.04 18.57
CA SER L 76 18.22 -11.33 18.17
C SER L 76 17.11 -12.27 17.68
N GLU L 77 17.51 -13.31 16.95
CA GLU L 77 16.56 -14.29 16.46
C GLU L 77 16.04 -15.06 17.66
N GLU L 78 16.85 -15.10 18.71
CA GLU L 78 16.50 -15.80 19.93
C GLU L 78 15.41 -15.07 20.70
N PHE L 79 15.56 -13.74 20.82
CA PHE L 79 14.58 -12.94 21.55
C PHE L 79 13.27 -12.84 20.77
N PHE L 80 13.37 -12.50 19.49
CA PHE L 80 12.19 -12.39 18.63
C PHE L 80 11.27 -13.60 18.80
N ASN L 81 11.85 -14.78 18.90
CA ASN L 81 11.08 -16.00 19.08
C ASN L 81 10.51 -16.07 20.50
N LEU L 82 11.33 -15.67 21.47
CA LEU L 82 10.88 -15.67 22.88
C LEU L 82 9.58 -14.92 23.04
N LEU L 83 9.43 -13.87 22.24
CA LEU L 83 8.22 -13.05 22.27
C LEU L 83 7.09 -13.76 21.54
N ALA L 84 7.34 -14.11 20.28
CA ALA L 84 6.35 -14.81 19.47
C ALA L 84 5.88 -16.06 20.19
N GLN L 85 6.61 -16.44 21.24
CA GLN L 85 6.29 -17.61 22.04
C GLN L 85 4.88 -17.45 22.63
N LYS L 86 4.80 -16.51 23.59
CA LYS L 86 3.54 -16.17 24.28
C LYS L 86 2.40 -16.11 23.26
N LEU L 87 2.75 -15.76 22.05
CA LEU L 87 1.79 -15.64 20.99
C LEU L 87 1.43 -16.97 20.31
N GLU L 88 2.19 -18.06 20.47
CA GLU L 88 1.90 -19.33 19.76
C GLU L 88 1.98 -19.04 18.26
N LEU L 89 3.12 -18.52 17.84
CA LEU L 89 3.31 -18.17 16.44
C LEU L 89 3.30 -19.37 15.50
N HIS L 90 4.47 -19.96 15.26
CA HIS L 90 4.66 -21.11 14.37
C HIS L 90 3.39 -21.81 13.90
N LYS L 91 2.51 -22.13 14.85
CA LYS L 91 1.26 -22.82 14.55
C LYS L 91 0.39 -22.15 13.48
N PHE L 92 0.69 -20.89 13.16
CA PHE L 92 -0.10 -20.18 12.15
C PHE L 92 0.62 -19.94 10.83
N ILE L 93 1.94 -19.93 10.87
CA ILE L 93 2.76 -19.70 9.68
C ILE L 93 2.70 -20.84 8.65
N ARG L 94 2.29 -20.51 7.43
CA ARG L 94 2.19 -21.49 6.34
C ARG L 94 3.52 -21.67 5.62
N ILE L 95 4.30 -22.65 6.06
CA ILE L 95 5.59 -22.94 5.46
C ILE L 95 5.66 -24.42 5.06
N LYS L 96 6.35 -24.71 3.95
CA LYS L 96 6.47 -26.08 3.47
C LYS L 96 6.93 -27.05 4.57
N ARG L 97 6.30 -28.22 4.61
CA ARG L 97 6.62 -29.24 5.60
C ARG L 97 8.11 -29.53 5.63
N GLY L 98 8.65 -29.76 6.81
CA GLY L 98 10.08 -30.04 6.95
C GLY L 98 10.94 -28.93 6.39
N LYS L 99 10.77 -27.73 6.92
CA LYS L 99 11.55 -26.57 6.49
C LYS L 99 11.40 -25.40 7.47
N ILE L 100 10.68 -25.65 8.57
CA ILE L 100 10.44 -24.63 9.58
C ILE L 100 11.60 -24.56 10.58
N ASN L 101 11.82 -23.36 11.12
CA ASN L 101 12.89 -23.12 12.09
C ASN L 101 12.72 -21.75 12.78
N GLU L 102 13.69 -21.38 13.61
CA GLU L 102 13.61 -20.11 14.32
C GLU L 102 13.82 -18.89 13.42
N THR L 103 14.48 -19.09 12.30
CA THR L 103 14.73 -18.00 11.34
C THR L 103 13.44 -17.64 10.63
N ILE L 104 12.76 -18.65 10.10
CA ILE L 104 11.50 -18.45 9.40
C ILE L 104 10.51 -17.75 10.34
N ILE L 105 10.63 -18.01 11.63
CA ILE L 105 9.75 -17.43 12.65
C ILE L 105 10.13 -15.99 13.01
N GLY L 106 11.42 -15.76 13.25
CA GLY L 106 11.86 -14.43 13.59
C GLY L 106 11.49 -13.45 12.51
N ASP L 107 11.65 -13.87 11.25
CA ASP L 107 11.34 -13.02 10.11
C ASP L 107 9.84 -12.86 9.86
N VAL L 108 9.06 -13.92 10.05
CA VAL L 108 7.61 -13.82 9.85
C VAL L 108 7.05 -12.98 10.99
N PHE L 109 7.63 -13.14 12.17
CA PHE L 109 7.20 -12.38 13.34
C PHE L 109 7.24 -10.90 12.98
N GLU L 110 8.39 -10.43 12.51
CA GLU L 110 8.53 -9.03 12.14
C GLU L 110 7.66 -8.67 10.93
N ALA L 111 7.66 -9.52 9.91
CA ALA L 111 6.84 -9.25 8.72
C ALA L 111 5.39 -9.14 9.14
N LEU L 112 5.08 -9.72 10.28
CA LEU L 112 3.74 -9.71 10.85
C LEU L 112 3.38 -8.33 11.35
N TRP L 113 4.31 -7.68 12.02
CA TRP L 113 4.07 -6.35 12.55
C TRP L 113 4.01 -5.29 11.45
N ALA L 114 4.68 -5.54 10.35
CA ALA L 114 4.65 -4.59 9.25
C ALA L 114 3.29 -4.70 8.55
N ALA L 115 2.65 -5.85 8.72
CA ALA L 115 1.33 -6.09 8.13
C ALA L 115 0.32 -5.34 9.00
N VAL L 116 0.58 -5.34 10.31
CA VAL L 116 -0.29 -4.63 11.24
C VAL L 116 -0.15 -3.15 10.91
N TYR L 117 1.10 -2.71 10.78
CA TYR L 117 1.41 -1.33 10.45
C TYR L 117 0.69 -0.93 9.18
N ILE L 118 0.93 -1.66 8.10
CA ILE L 118 0.30 -1.35 6.83
C ILE L 118 -1.22 -1.47 6.90
N ASP L 119 -1.72 -2.37 7.74
CA ASP L 119 -3.16 -2.55 7.84
C ASP L 119 -3.85 -1.33 8.45
N SER L 120 -3.15 -0.66 9.36
CA SER L 120 -3.68 0.53 10.02
C SER L 120 -3.14 1.77 9.32
N GLY L 121 -3.28 1.82 7.99
CA GLY L 121 -2.79 2.96 7.22
C GLY L 121 -1.45 3.49 7.69
N ARG L 122 -0.55 2.58 8.04
CA ARG L 122 0.77 2.97 8.53
C ARG L 122 0.61 3.93 9.71
N ASP L 123 0.41 3.36 10.89
CA ASP L 123 0.25 4.15 12.11
C ASP L 123 1.29 3.68 13.13
N ALA L 124 2.43 4.34 13.15
CA ALA L 124 3.48 3.96 14.07
C ALA L 124 2.98 3.89 15.50
N ASN L 125 2.45 5.00 15.99
CA ASN L 125 1.94 5.07 17.36
C ASN L 125 0.95 3.96 17.69
N PHE L 126 -0.02 3.75 16.81
CA PHE L 126 -1.03 2.72 17.02
C PHE L 126 -0.37 1.35 17.15
N THR L 127 0.42 1.01 16.13
CA THR L 127 1.12 -0.27 16.09
C THR L 127 2.07 -0.38 17.28
N ARG L 128 2.84 0.67 17.52
CA ARG L 128 3.79 0.67 18.62
C ARG L 128 3.09 0.33 19.94
N GLU L 129 1.99 1.04 20.22
CA GLU L 129 1.25 0.83 21.45
C GLU L 129 0.75 -0.61 21.58
N LEU L 130 0.20 -1.14 20.50
CA LEU L 130 -0.31 -2.51 20.50
C LEU L 130 0.85 -3.47 20.74
N PHE L 131 2.04 -3.03 20.34
CA PHE L 131 3.24 -3.85 20.50
C PHE L 131 3.69 -3.86 21.96
N TYR L 132 3.41 -2.77 22.67
CA TYR L 132 3.78 -2.66 24.07
C TYR L 132 2.80 -3.41 24.97
N LYS L 133 1.51 -3.28 24.68
CA LYS L 133 0.47 -3.94 25.46
C LYS L 133 0.84 -5.39 25.70
N LEU L 134 1.30 -6.04 24.63
CA LEU L 134 1.66 -7.45 24.71
C LEU L 134 3.04 -7.78 25.35
N PHE L 135 4.14 -7.13 24.88
CA PHE L 135 5.54 -7.48 25.28
C PHE L 135 6.32 -6.48 26.12
N LYS L 136 5.88 -6.12 27.29
CA LYS L 136 6.62 -5.09 28.02
C LYS L 136 6.97 -5.50 29.45
N GLU L 137 6.04 -6.25 30.04
CA GLU L 137 6.23 -6.77 31.39
C GLU L 137 7.39 -7.75 31.30
N ASP L 138 7.65 -8.21 30.08
CA ASP L 138 8.73 -9.13 29.78
C ASP L 138 10.02 -8.34 29.77
N ILE L 139 10.10 -7.37 28.85
CA ILE L 139 11.26 -6.52 28.71
C ILE L 139 11.55 -5.76 30.00
N LEU L 140 10.50 -5.48 30.76
CA LEU L 140 10.64 -4.77 32.04
C LEU L 140 11.58 -5.58 32.93
N SER L 141 11.48 -6.91 32.81
CA SER L 141 12.32 -7.81 33.58
C SER L 141 13.49 -8.27 32.72
N ALA L 142 13.27 -8.30 31.40
CA ALA L 142 14.32 -8.71 30.46
C ALA L 142 15.40 -7.65 30.45
N ILE L 143 15.26 -6.68 31.34
CA ILE L 143 16.22 -5.59 31.48
C ILE L 143 16.56 -5.48 32.96
N LYS L 144 15.62 -5.88 33.81
CA LYS L 144 15.82 -5.84 35.25
C LYS L 144 16.72 -7.00 35.66
N GLU L 145 16.93 -7.93 34.73
CA GLU L 145 17.78 -9.09 34.96
C GLU L 145 19.00 -9.01 34.06
N GLY L 146 19.04 -7.98 33.22
CA GLY L 146 20.15 -7.79 32.30
C GLY L 146 20.54 -9.04 31.53
N ARG L 147 19.92 -9.24 30.37
CA ARG L 147 20.22 -10.40 29.55
C ARG L 147 21.20 -10.04 28.44
N VAL L 148 21.96 -11.02 27.98
CA VAL L 148 22.95 -10.83 26.94
C VAL L 148 23.09 -12.08 26.08
N LYS L 149 23.69 -11.92 24.91
CA LYS L 149 23.91 -13.04 24.00
C LYS L 149 24.61 -14.20 24.68
N LYS L 150 25.87 -13.98 25.06
CA LYS L 150 26.68 -15.00 25.71
C LYS L 150 26.67 -14.90 27.23
N ASP L 151 27.68 -15.49 27.85
CA ASP L 151 27.84 -15.46 29.30
C ASP L 151 28.78 -14.31 29.59
N TYR L 152 28.95 -13.98 30.86
CA TYR L 152 29.80 -12.87 31.23
C TYR L 152 31.29 -13.15 31.06
N LYS L 153 31.72 -14.39 31.32
CA LYS L 153 33.13 -14.72 31.17
C LYS L 153 33.55 -14.45 29.73
N THR L 154 32.73 -14.91 28.78
CA THR L 154 32.99 -14.71 27.37
C THR L 154 32.95 -13.24 27.01
N ILE L 155 31.84 -12.58 27.35
CA ILE L 155 31.67 -11.16 27.05
C ILE L 155 32.87 -10.36 27.55
N LEU L 156 33.12 -10.45 28.85
CA LEU L 156 34.24 -9.74 29.46
C LEU L 156 35.49 -9.86 28.60
N GLN L 157 35.81 -11.09 28.20
CA GLN L 157 36.98 -11.37 27.39
C GLN L 157 37.01 -10.58 26.08
N GLU L 158 35.89 -10.59 25.36
CA GLU L 158 35.81 -9.88 24.10
C GLU L 158 35.99 -8.38 24.32
N ILE L 159 35.52 -7.90 25.47
CA ILE L 159 35.65 -6.49 25.82
C ILE L 159 37.13 -6.13 25.98
N THR L 160 37.80 -6.80 26.90
CA THR L 160 39.19 -6.54 27.18
C THR L 160 40.01 -6.69 25.95
N GLN L 161 39.70 -7.68 25.18
CA GLN L 161 40.45 -7.93 23.99
C GLN L 161 40.25 -6.84 23.01
N LYS L 162 39.03 -6.41 22.87
CA LYS L 162 38.88 -5.43 21.79
C LYS L 162 39.47 -4.09 22.21
N ARG L 163 40.03 -4.03 23.41
CA ARG L 163 40.58 -2.81 24.04
C ARG L 163 42.08 -2.84 24.23
N TRP L 164 42.55 -3.84 24.97
CA TRP L 164 43.94 -4.04 25.27
C TRP L 164 44.46 -5.35 24.67
N LYS L 165 43.66 -5.96 23.80
CA LYS L 165 44.01 -7.22 23.15
C LYS L 165 44.43 -8.30 24.14
N GLU L 166 44.22 -8.07 25.42
CA GLU L 166 44.57 -9.05 26.43
C GLU L 166 43.30 -9.61 27.06
N ARG L 167 43.45 -10.70 27.82
CA ARG L 167 42.32 -11.34 28.46
C ARG L 167 42.38 -11.25 29.97
N PRO L 168 41.21 -11.15 30.62
CA PRO L 168 41.19 -11.05 32.08
C PRO L 168 41.79 -12.30 32.71
N GLU L 169 41.74 -12.39 34.03
CA GLU L 169 42.30 -13.54 34.73
C GLU L 169 41.46 -13.94 35.95
N TYR L 170 41.02 -15.19 35.98
CA TYR L 170 40.21 -15.69 37.08
C TYR L 170 41.06 -16.50 38.07
N ARG L 171 40.58 -16.61 39.31
CA ARG L 171 41.30 -17.35 40.34
C ARG L 171 40.35 -17.67 41.50
N LEU L 172 40.25 -18.96 41.84
CA LEU L 172 39.39 -19.42 42.91
C LEU L 172 39.95 -18.97 44.27
N ILE L 173 39.17 -18.16 44.98
CA ILE L 173 39.57 -17.65 46.28
C ILE L 173 39.14 -18.58 47.39
N SER L 174 37.89 -19.04 47.31
CA SER L 174 37.38 -19.93 48.33
C SER L 174 36.61 -21.10 47.74
N VAL L 175 36.35 -22.07 48.62
CA VAL L 175 35.63 -23.32 48.32
C VAL L 175 34.77 -23.73 49.51
N GLU L 176 34.98 -23.13 50.66
CA GLU L 176 34.21 -23.60 51.81
C GLU L 176 33.92 -22.50 52.84
N GLY L 177 33.01 -22.81 53.75
CA GLY L 177 32.68 -21.87 54.80
C GLY L 177 33.22 -22.37 56.11
N PRO L 178 32.90 -21.68 57.17
CA PRO L 178 33.36 -22.11 58.52
C PRO L 178 32.91 -23.53 58.95
N HIS L 179 31.60 -23.79 58.81
CA HIS L 179 31.03 -25.09 59.19
C HIS L 179 31.05 -26.14 58.07
N HIS L 180 31.94 -25.94 57.10
CA HIS L 180 32.09 -26.87 55.98
C HIS L 180 30.90 -26.98 55.02
N LYS L 181 30.46 -25.84 54.51
CA LYS L 181 29.36 -25.83 53.55
C LYS L 181 29.96 -25.54 52.22
N LYS L 182 29.23 -25.67 51.16
CA LYS L 182 29.86 -25.34 49.91
C LYS L 182 29.49 -23.91 49.51
N LYS L 183 30.47 -23.16 49.06
CA LYS L 183 30.26 -21.77 48.64
C LYS L 183 31.55 -21.26 48.02
N PHE L 184 31.48 -20.93 46.75
CA PHE L 184 32.65 -20.49 45.98
C PHE L 184 32.80 -18.98 45.87
N ILE L 185 34.05 -18.52 45.91
CA ILE L 185 34.35 -17.10 45.78
C ILE L 185 35.47 -16.95 44.78
N VAL L 186 35.12 -16.56 43.56
CA VAL L 186 36.09 -16.38 42.48
C VAL L 186 36.49 -14.92 42.34
N GLU L 187 37.75 -14.68 41.96
CA GLU L 187 38.25 -13.32 41.77
C GLU L 187 38.73 -13.12 40.34
N ALA L 188 38.31 -12.01 39.74
CA ALA L 188 38.69 -11.68 38.37
C ALA L 188 39.42 -10.34 38.38
N LYS L 189 40.34 -10.14 37.45
CA LYS L 189 41.09 -8.89 37.40
C LYS L 189 41.76 -8.64 36.07
N ILE L 190 41.63 -7.41 35.57
CA ILE L 190 42.24 -7.01 34.29
C ILE L 190 42.92 -5.64 34.44
N LYS L 191 44.19 -5.63 34.00
CA LYS L 191 45.09 -4.49 34.06
C LYS L 191 45.27 -3.94 35.51
N GLU L 192 44.19 -3.46 36.16
CA GLU L 192 44.30 -2.92 37.53
C GLU L 192 42.94 -3.03 38.25
N TYR L 193 41.93 -3.45 37.51
CA TYR L 193 40.58 -3.61 38.03
C TYR L 193 40.37 -5.06 38.47
N ARG L 194 39.85 -5.25 39.69
CA ARG L 194 39.59 -6.59 40.19
C ARG L 194 38.18 -6.73 40.73
N THR L 195 37.71 -7.97 40.83
CA THR L 195 36.36 -8.24 41.32
C THR L 195 36.27 -9.58 42.05
N LEU L 196 35.15 -9.78 42.75
CA LEU L 196 34.94 -11.01 43.48
C LEU L 196 33.49 -11.47 43.42
N GLY L 197 33.28 -12.61 42.78
CA GLY L 197 31.95 -13.17 42.66
C GLY L 197 31.84 -14.43 43.48
N GLU L 198 30.61 -14.78 43.85
CA GLU L 198 30.40 -15.98 44.66
C GLU L 198 29.10 -16.67 44.24
N GLY L 199 29.24 -17.93 43.84
CA GLY L 199 28.08 -18.71 43.42
C GLY L 199 28.17 -20.13 43.94
N LYS L 200 27.03 -20.83 43.93
CA LYS L 200 26.96 -22.21 44.39
C LYS L 200 28.17 -23.02 43.95
N SER L 201 28.62 -22.81 42.71
CA SER L 201 29.77 -23.50 42.19
C SER L 201 30.83 -22.51 41.72
N LYS L 202 31.93 -23.01 41.16
CA LYS L 202 32.98 -22.14 40.67
C LYS L 202 32.57 -21.56 39.31
N LYS L 203 31.64 -22.26 38.65
CA LYS L 203 31.15 -21.85 37.34
C LYS L 203 30.13 -20.72 37.46
N GLU L 204 29.45 -20.65 38.60
CA GLU L 204 28.46 -19.61 38.85
C GLU L 204 29.16 -18.42 39.49
N ALA L 205 30.21 -18.70 40.27
CA ALA L 205 30.97 -17.66 40.94
C ALA L 205 31.76 -16.85 39.92
N GLU L 206 32.44 -17.55 39.02
CA GLU L 206 33.23 -16.89 37.98
C GLU L 206 32.34 -16.05 37.08
N GLN L 207 31.30 -16.66 36.51
CA GLN L 207 30.39 -15.95 35.64
C GLN L 207 29.82 -14.70 36.30
N ARG L 208 29.97 -14.61 37.62
CA ARG L 208 29.49 -13.45 38.34
C ARG L 208 30.66 -12.51 38.60
N ALA L 209 31.80 -13.09 38.95
CA ALA L 209 33.00 -12.30 39.20
C ALA L 209 33.28 -11.49 37.95
N ALA L 210 33.18 -12.15 36.80
CA ALA L 210 33.40 -11.52 35.51
C ALA L 210 32.34 -10.46 35.25
N GLU L 211 31.08 -10.84 35.46
CA GLU L 211 29.94 -9.95 35.24
C GLU L 211 30.11 -8.65 36.01
N GLU L 212 30.58 -8.78 37.25
CA GLU L 212 30.80 -7.62 38.12
C GLU L 212 31.98 -6.81 37.62
N LEU L 213 32.97 -7.49 37.04
CA LEU L 213 34.15 -6.81 36.50
C LEU L 213 33.77 -6.12 35.19
N ILE L 214 32.64 -6.52 34.64
CA ILE L 214 32.14 -5.93 33.41
C ILE L 214 31.54 -4.59 33.79
N LYS L 215 30.78 -4.61 34.87
CA LYS L 215 30.13 -3.42 35.41
C LYS L 215 31.21 -2.40 35.80
N LEU L 216 32.30 -2.90 36.36
CA LEU L 216 33.40 -2.05 36.79
C LEU L 216 33.96 -1.29 35.58
N LEU L 217 34.54 -2.03 34.63
CA LEU L 217 35.11 -1.43 33.43
C LEU L 217 34.16 -0.44 32.77
N GLU L 218 32.87 -0.73 32.84
CA GLU L 218 31.86 0.13 32.24
C GLU L 218 31.86 1.52 32.87
N GLU L 219 31.77 1.57 34.19
CA GLU L 219 31.74 2.83 34.92
C GLU L 219 33.14 3.45 34.99
N SER L 220 33.97 3.12 34.01
CA SER L 220 35.34 3.63 33.93
C SER L 220 35.62 4.17 32.54
#